data_8F4B
#
_entry.id   8F4B
#
_cell.length_a   1.00
_cell.length_b   1.00
_cell.length_c   1.00
_cell.angle_alpha   90.00
_cell.angle_beta   90.00
_cell.angle_gamma   90.00
#
_symmetry.space_group_name_H-M   'P 1'
#
loop_
_entity.id
_entity.type
_entity.pdbx_description
1 polymer 'Multidrug resistance-associated protein 1'
2 polymer 'Cyclic peptide inhibitor 1 (CPI1)'
#
loop_
_entity_poly.entity_id
_entity_poly.type
_entity_poly.pdbx_seq_one_letter_code
_entity_poly.pdbx_strand_id
1 'polypeptide(L)'
;PNPCPESSASFLSRITFWWITGMMVQGYRQPLESTDLWSLNKEDTSEQVVPVLVKNWKKECAKSRKQPVKIVYSSKDPAK
PKGSSKVDVNEEAEALIVKCPQKERDPSLFKVLYKTFGPYFLMSFLFKAVHDLMMFAGPEILKLLINFVNDKKAPEWQGY
FYTALLFISACLQTLVLHQYFHICFVSGMRIKTAVIGAVYRKALVITNAARKSSTVGEIVNLMSVDAQRFMDLATYINMI
WSAPLQVILALYLLWLNLGPSVLAGVAVMVLMVPLNAVMAMKTKTYQVAHMKSKDNRIKLMNEILNGIKVLKLYAWELAF
KDKVLAIRQEELKVLKKSAYLAAVGTFTWVCTPFLVALSTFAVYVTVDENNILDAQKAFVSLALFNILRFPLNILPMVIS
SIVQASVSLKRLRVFLSHEDLDPDSIQRRPIKDAGATNSITVKNATFTWARNDPPTLHGITFSVPEGSLVAVVGQVGCGK
SSLLSALLAEMDKVEGHVTVKGSVAYVPQQAWIQNISLRENILFGRQLQERYYKAVVEACALLPDLEILPSGDRTEIGEK
GVNLSGGQKQRVSLARAVYCDSDVYLLDDPLSAVDAHVGKHIFENVIGPKGLLKNKTRLLVTHAISYLPQMDVIIVMSGG
KISEMGSYQELLARDGAFAEFLRTYASAEQEQGQPEDGLAGVGGPGKEVKQMENGMLVTDTAGKQMQRQLSSSSSYSRDV
SQHHTSTAELRKPGPTEETWKLVEADKAQTGQVKLSVYWDYMKAIGLFISFLSIFLFLCNHVASLVSNYWLSLWTDDPIV
NGTQEHTQVRLSVYGALGISQGITVFGYSMAVSIGGIFASRRLHLDLLHNVLRSPISFFERTPSGNLVNRFSKELDTVDS
MIPQVIKMFMGSLFNVIGACIIILLATPMAAVIIPPLGLIYFFVQRFYVASSRQLKRLESVSRSPVYSHFNETLLGVSVI
RAFEEQERFIRQSDLKVDENQKAYYPSIVANRWLAVRLECVGNCIVLFASLFAVISRHSLSAGLVGLSVSYSLQVTTYLN
WLVRMSSEMETNIVAVERLKEYSETEKEAPWQIQDMAPPKDWPQVGRVEFRDYGLRYREDLDLVLKHINVTIDGGEKVGI
VGRTGAGKSSLTLGLFRIKESAEGEIIIDDINIAKIGLHDLRFKITIIPQDPVLFSGSLRMNLDPFSQYSDEEVWTSLEL
AHLKGFVSALPDKLNHECAEGGENLSVGQRQLVCLARALLRKTKILVLDEATAAVDLETDDLIQSTIRTQFDDCTVLTIA
HRLNTIMDYTRVIVLDKGEIQEWGSPSDLLQQRGLFYSMAKDSGLV
;
A
2 'polypeptide(L)' (DTY)FWGNLHWYYEQFDSTC(ACE) B
#
# COMPACT_ATOMS: atom_id res chain seq x y z
N PRO A 1 -30.76 -2.41 19.07
CA PRO A 1 -29.62 -3.01 19.77
C PRO A 1 -28.53 -1.97 20.02
N ASN A 2 -28.13 -1.26 18.96
CA ASN A 2 -27.16 -0.12 18.98
C ASN A 2 -27.45 0.79 17.78
N PRO A 3 -28.58 1.52 17.78
CA PRO A 3 -28.97 2.35 16.63
C PRO A 3 -28.14 3.64 16.51
N CYS A 4 -28.16 4.26 15.33
CA CYS A 4 -27.55 5.59 15.05
C CYS A 4 -28.34 6.65 15.80
N PRO A 5 -27.73 7.49 16.67
CA PRO A 5 -28.49 8.49 17.44
C PRO A 5 -29.14 9.60 16.62
N GLU A 6 -28.73 9.80 15.35
CA GLU A 6 -29.24 10.85 14.43
C GLU A 6 -30.78 10.80 14.36
N SER A 7 -31.34 9.61 14.10
CA SER A 7 -32.79 9.37 13.88
C SER A 7 -33.59 9.68 15.16
N SER A 8 -33.03 9.37 16.34
CA SER A 8 -33.63 9.66 17.67
C SER A 8 -32.92 10.85 18.33
N ALA A 9 -32.72 11.94 17.57
CA ALA A 9 -32.20 13.25 18.05
C ALA A 9 -33.10 14.38 17.55
N SER A 10 -33.20 15.47 18.32
CA SER A 10 -34.08 16.65 18.07
C SER A 10 -33.62 17.40 16.80
N PHE A 11 -34.40 18.41 16.37
CA PHE A 11 -34.11 19.26 15.19
C PHE A 11 -32.77 19.99 15.37
N LEU A 12 -32.60 20.66 16.52
CA LEU A 12 -31.40 21.49 16.85
C LEU A 12 -30.16 20.60 16.87
N SER A 13 -30.26 19.39 17.44
CA SER A 13 -29.16 18.38 17.48
C SER A 13 -28.66 18.08 16.06
N ARG A 14 -29.58 17.85 15.11
CA ARG A 14 -29.28 17.44 13.71
C ARG A 14 -28.65 18.59 12.94
N ILE A 15 -29.10 19.83 13.18
CA ILE A 15 -28.58 21.08 12.54
C ILE A 15 -27.08 21.24 12.87
N THR A 16 -26.72 21.09 14.15
CA THR A 16 -25.35 21.34 14.69
C THR A 16 -24.55 20.04 14.85
N PHE A 17 -25.12 18.88 14.50
CA PHE A 17 -24.48 17.55 14.57
C PHE A 17 -24.00 17.27 16.01
N TRP A 18 -24.85 17.59 17.00
CA TRP A 18 -24.53 17.40 18.45
C TRP A 18 -24.63 15.91 18.81
N TRP A 19 -25.32 15.10 18.00
CA TRP A 19 -25.61 13.67 18.32
C TRP A 19 -24.35 12.80 18.23
N ILE A 20 -23.29 13.25 17.55
CA ILE A 20 -21.99 12.51 17.46
C ILE A 20 -21.05 12.90 18.61
N THR A 21 -21.32 14.02 19.31
CA THR A 21 -20.46 14.56 20.42
C THR A 21 -20.15 13.47 21.45
N GLY A 22 -21.11 12.60 21.76
CA GLY A 22 -20.95 11.43 22.63
C GLY A 22 -19.85 10.49 22.14
N MET A 23 -19.82 10.20 20.84
CA MET A 23 -18.86 9.26 20.21
C MET A 23 -17.46 9.90 20.10
N MET A 24 -17.38 11.24 20.06
CA MET A 24 -16.09 11.99 19.94
C MET A 24 -15.38 11.96 21.29
N VAL A 25 -16.06 12.34 22.38
CA VAL A 25 -15.48 12.43 23.76
C VAL A 25 -15.03 11.04 24.20
N GLN A 26 -15.79 9.99 23.86
CA GLN A 26 -15.49 8.57 24.15
C GLN A 26 -14.18 8.17 23.46
N GLY A 27 -14.01 8.56 22.19
CA GLY A 27 -12.89 8.19 21.31
C GLY A 27 -11.54 8.72 21.80
N TYR A 28 -11.53 9.75 22.65
CA TYR A 28 -10.32 10.29 23.32
C TYR A 28 -9.94 9.40 24.51
N ARG A 29 -10.92 9.07 25.38
CA ARG A 29 -10.73 8.30 26.63
C ARG A 29 -10.09 6.94 26.33
N GLN A 30 -10.68 6.17 25.43
CA GLN A 30 -10.25 4.80 25.04
C GLN A 30 -10.19 4.68 23.52
N PRO A 31 -9.48 3.67 22.95
CA PRO A 31 -9.46 3.46 21.50
C PRO A 31 -10.83 2.97 20.99
N LEU A 32 -11.24 3.46 19.81
CA LEU A 32 -12.48 3.02 19.10
C LEU A 32 -12.15 1.78 18.27
N GLU A 33 -12.96 0.72 18.40
CA GLU A 33 -12.83 -0.56 17.65
C GLU A 33 -14.10 -0.77 16.82
N SER A 34 -14.13 -1.83 16.00
CA SER A 34 -15.22 -2.15 15.05
C SER A 34 -16.54 -2.46 15.78
N THR A 35 -16.47 -2.96 17.03
CA THR A 35 -17.63 -3.31 17.87
C THR A 35 -18.26 -2.03 18.44
N ASP A 36 -17.46 -1.05 18.85
CA ASP A 36 -17.89 0.25 19.42
C ASP A 36 -18.26 1.19 18.27
N LEU A 37 -19.25 0.80 17.46
CA LEU A 37 -19.56 1.39 16.13
C LEU A 37 -21.05 1.13 15.82
N TRP A 38 -21.82 2.18 15.54
CA TRP A 38 -23.31 2.13 15.41
C TRP A 38 -23.73 1.22 14.26
N SER A 39 -24.97 0.71 14.32
CA SER A 39 -25.67 0.08 13.17
C SER A 39 -26.02 1.17 12.16
N LEU A 40 -26.01 0.84 10.86
CA LEU A 40 -26.41 1.76 9.76
C LEU A 40 -27.90 2.10 9.90
N ASN A 41 -28.30 3.26 9.38
CA ASN A 41 -29.73 3.63 9.19
C ASN A 41 -30.36 2.64 8.20
N LYS A 42 -31.66 2.37 8.33
CA LYS A 42 -32.43 1.46 7.45
C LYS A 42 -32.30 1.91 5.99
N GLU A 43 -32.29 3.23 5.75
CA GLU A 43 -32.27 3.86 4.40
C GLU A 43 -30.87 3.86 3.79
N ASP A 44 -29.83 3.49 4.56
CA ASP A 44 -28.41 3.39 4.12
C ASP A 44 -28.03 1.92 3.86
N THR A 45 -28.75 0.96 4.45
CA THR A 45 -28.47 -0.51 4.36
C THR A 45 -28.54 -0.97 2.90
N SER A 46 -27.68 -1.93 2.52
CA SER A 46 -27.55 -2.48 1.14
C SER A 46 -28.87 -3.08 0.67
N GLU A 47 -29.54 -3.86 1.53
CA GLU A 47 -30.80 -4.61 1.21
C GLU A 47 -31.96 -3.64 0.93
N GLN A 48 -31.85 -2.36 1.30
CA GLN A 48 -32.85 -1.30 0.97
C GLN A 48 -32.41 -0.54 -0.28
N VAL A 49 -31.14 -0.13 -0.34
CA VAL A 49 -30.58 0.77 -1.39
C VAL A 49 -30.44 0.01 -2.71
N VAL A 50 -29.89 -1.21 -2.70
CA VAL A 50 -29.45 -1.95 -3.92
C VAL A 50 -30.66 -2.37 -4.77
N PRO A 51 -31.72 -2.98 -4.21
CA PRO A 51 -32.86 -3.44 -5.03
C PRO A 51 -33.61 -2.36 -5.84
N VAL A 52 -33.54 -1.10 -5.41
CA VAL A 52 -34.22 0.05 -6.11
C VAL A 52 -33.49 0.35 -7.43
N LEU A 53 -32.16 0.20 -7.47
CA LEU A 53 -31.33 0.47 -8.67
C LEU A 53 -31.51 -0.65 -9.70
N VAL A 54 -31.40 -1.92 -9.28
CA VAL A 54 -31.47 -3.11 -10.17
C VAL A 54 -32.88 -3.21 -10.77
N LYS A 55 -33.90 -2.73 -10.06
CA LYS A 55 -35.31 -2.66 -10.54
C LYS A 55 -35.41 -1.66 -11.71
N ASN A 56 -34.92 -0.44 -11.50
CA ASN A 56 -34.95 0.68 -12.49
C ASN A 56 -34.09 0.33 -13.71
N TRP A 57 -33.00 -0.43 -13.52
CA TRP A 57 -32.09 -0.87 -14.61
C TRP A 57 -32.79 -1.90 -15.50
N LYS A 58 -33.52 -2.85 -14.90
CA LYS A 58 -34.34 -3.88 -15.60
C LYS A 58 -35.44 -3.19 -16.41
N LYS A 59 -36.10 -2.19 -15.81
CA LYS A 59 -37.20 -1.40 -16.44
C LYS A 59 -36.66 -0.60 -17.63
N GLU A 60 -35.55 0.13 -17.44
CA GLU A 60 -34.93 1.02 -18.46
C GLU A 60 -34.38 0.18 -19.62
N CYS A 61 -33.74 -0.96 -19.33
CA CYS A 61 -33.13 -1.88 -20.34
C CYS A 61 -34.19 -2.37 -21.34
N ALA A 62 -35.40 -2.68 -20.86
CA ALA A 62 -36.54 -3.18 -21.65
C ALA A 62 -36.88 -2.21 -22.80
N LYS A 63 -36.87 -0.90 -22.52
CA LYS A 63 -37.30 0.19 -23.46
C LYS A 63 -36.40 0.21 -24.71
N SER A 64 -35.11 -0.09 -24.56
CA SER A 64 -34.10 -0.12 -25.66
C SER A 64 -34.03 -1.52 -26.28
N PHE A 110 -26.46 5.38 -19.05
CA PHE A 110 -27.46 5.14 -17.96
C PHE A 110 -27.38 6.27 -16.92
N LYS A 111 -27.30 7.53 -17.39
CA LYS A 111 -27.49 8.74 -16.53
C LYS A 111 -28.98 8.88 -16.21
N VAL A 112 -29.86 8.27 -17.01
CA VAL A 112 -31.33 8.20 -16.79
C VAL A 112 -31.61 7.29 -15.58
N LEU A 113 -30.76 6.29 -15.31
CA LEU A 113 -30.87 5.39 -14.13
C LEU A 113 -30.43 6.13 -12.86
N TYR A 114 -29.60 7.18 -12.99
CA TYR A 114 -29.19 8.07 -11.86
C TYR A 114 -30.24 9.18 -11.64
N LYS A 115 -31.50 8.90 -11.98
CA LYS A 115 -32.72 9.53 -11.41
C LYS A 115 -33.36 8.54 -10.41
N THR A 116 -32.52 7.76 -9.72
CA THR A 116 -32.83 6.95 -8.51
C THR A 116 -32.42 7.75 -7.27
N PHE A 117 -31.21 8.35 -7.31
CA PHE A 117 -30.63 9.20 -6.23
C PHE A 117 -30.91 10.68 -6.53
N GLY A 118 -31.59 10.97 -7.64
CA GLY A 118 -32.03 12.32 -8.05
C GLY A 118 -32.92 12.99 -7.01
N PRO A 119 -34.03 12.33 -6.55
CA PRO A 119 -34.99 12.97 -5.63
C PRO A 119 -34.36 13.54 -4.35
N TYR A 120 -33.52 12.76 -3.67
CA TYR A 120 -32.82 13.14 -2.42
C TYR A 120 -31.81 14.25 -2.72
N PHE A 121 -31.05 14.10 -3.81
CA PHE A 121 -29.95 15.02 -4.22
C PHE A 121 -30.51 16.34 -4.76
N LEU A 122 -31.76 16.38 -5.23
CA LEU A 122 -32.42 17.61 -5.76
C LEU A 122 -32.55 18.67 -4.66
N MET A 123 -32.72 18.24 -3.40
CA MET A 123 -32.78 19.12 -2.19
C MET A 123 -31.45 19.89 -2.03
N SER A 124 -30.33 19.29 -2.45
CA SER A 124 -28.95 19.87 -2.39
C SER A 124 -28.91 21.26 -3.04
N PHE A 125 -29.54 21.41 -4.22
CA PHE A 125 -29.55 22.66 -5.04
C PHE A 125 -30.11 23.83 -4.22
N LEU A 126 -31.15 23.60 -3.40
CA LEU A 126 -31.87 24.67 -2.65
C LEU A 126 -30.96 25.25 -1.55
N PHE A 127 -30.29 24.39 -0.77
CA PHE A 127 -29.32 24.78 0.29
C PHE A 127 -28.12 25.52 -0.30
N LYS A 128 -27.54 24.99 -1.39
CA LYS A 128 -26.31 25.54 -2.04
C LYS A 128 -26.60 26.91 -2.66
N ALA A 129 -27.79 27.09 -3.26
CA ALA A 129 -28.25 28.36 -3.88
C ALA A 129 -28.37 29.45 -2.81
N VAL A 130 -28.97 29.12 -1.66
CA VAL A 130 -29.12 30.02 -0.47
C VAL A 130 -27.74 30.43 0.04
N HIS A 131 -26.78 29.50 0.08
CA HIS A 131 -25.40 29.74 0.59
C HIS A 131 -24.67 30.78 -0.26
N ASP A 132 -24.87 30.77 -1.58
CA ASP A 132 -24.15 31.64 -2.54
C ASP A 132 -24.59 33.10 -2.37
N LEU A 133 -25.86 33.35 -2.05
CA LEU A 133 -26.41 34.72 -1.84
C LEU A 133 -26.06 35.23 -0.45
N MET A 134 -26.08 34.36 0.57
CA MET A 134 -25.65 34.66 1.96
C MET A 134 -24.15 34.97 2.01
N MET A 135 -23.36 34.41 1.07
CA MET A 135 -21.89 34.55 0.98
C MET A 135 -21.52 36.01 0.69
N PHE A 136 -22.31 36.70 -0.15
CA PHE A 136 -22.13 38.12 -0.53
C PHE A 136 -23.00 39.02 0.37
N ALA A 137 -23.09 38.70 1.67
CA ALA A 137 -23.79 39.50 2.71
C ALA A 137 -22.74 40.22 3.56
N GLY A 138 -21.70 39.50 4.00
CA GLY A 138 -20.55 40.01 4.78
C GLY A 138 -19.95 41.28 4.16
N PRO A 139 -19.48 41.23 2.88
CA PRO A 139 -18.98 42.43 2.20
C PRO A 139 -19.99 43.58 2.05
N GLU A 140 -21.27 43.28 1.81
CA GLU A 140 -22.35 44.30 1.64
C GLU A 140 -22.63 44.98 2.99
N ILE A 141 -22.72 44.20 4.08
CA ILE A 141 -22.91 44.69 5.48
C ILE A 141 -21.65 45.45 5.93
N LEU A 142 -20.45 44.95 5.57
CA LEU A 142 -19.15 45.59 5.92
C LEU A 142 -19.14 47.03 5.42
N LYS A 143 -19.52 47.26 4.16
CA LYS A 143 -19.56 48.61 3.53
C LYS A 143 -20.38 49.58 4.39
N LEU A 144 -21.52 49.12 4.93
CA LEU A 144 -22.45 49.92 5.78
C LEU A 144 -21.79 50.23 7.12
N LEU A 145 -21.06 49.26 7.69
CA LEU A 145 -20.39 49.38 9.01
C LEU A 145 -19.23 50.40 8.93
N ILE A 146 -18.49 50.41 7.83
CA ILE A 146 -17.33 51.35 7.61
C ILE A 146 -17.89 52.77 7.42
N ASN A 147 -19.02 52.90 6.71
CA ASN A 147 -19.72 54.19 6.50
C ASN A 147 -20.25 54.70 7.86
N PHE A 148 -20.72 53.79 8.71
CA PHE A 148 -21.27 54.11 10.06
C PHE A 148 -20.19 54.75 10.92
N VAL A 149 -19.01 54.12 11.00
CA VAL A 149 -17.86 54.58 11.84
C VAL A 149 -17.36 55.94 11.32
N ASN A 150 -17.40 56.15 10.01
CA ASN A 150 -16.97 57.41 9.34
C ASN A 150 -18.01 58.51 9.60
N ASP A 151 -19.30 58.19 9.48
CA ASP A 151 -20.44 59.13 9.70
C ASP A 151 -20.62 59.34 11.20
N LYS A 152 -19.93 60.35 11.76
CA LYS A 152 -19.84 60.62 13.23
C LYS A 152 -21.21 61.02 13.79
N LYS A 153 -21.89 61.97 13.14
CA LYS A 153 -23.23 62.47 13.57
C LYS A 153 -24.33 61.54 13.04
N ALA A 154 -24.43 60.35 13.65
CA ALA A 154 -25.44 59.31 13.33
C ALA A 154 -25.98 58.69 14.62
N PRO A 155 -27.18 58.06 14.62
CA PRO A 155 -27.68 57.34 15.79
C PRO A 155 -26.84 56.10 16.09
N GLU A 156 -26.30 56.01 17.31
CA GLU A 156 -25.29 54.99 17.72
C GLU A 156 -25.87 53.58 17.58
N TRP A 157 -27.10 53.36 18.05
CA TRP A 157 -27.78 52.04 18.04
C TRP A 157 -27.64 51.35 16.67
N GLN A 158 -27.71 52.13 15.58
CA GLN A 158 -27.60 51.64 14.17
C GLN A 158 -26.33 50.81 14.00
N GLY A 159 -25.24 51.16 14.69
CA GLY A 159 -23.99 50.38 14.70
C GLY A 159 -24.22 48.97 15.20
N TYR A 160 -24.71 48.85 16.44
CA TYR A 160 -24.96 47.56 17.14
C TYR A 160 -25.87 46.68 16.27
N PHE A 161 -26.84 47.29 15.58
CA PHE A 161 -27.78 46.61 14.66
C PHE A 161 -26.99 45.90 13.54
N TYR A 162 -26.04 46.60 12.91
CA TYR A 162 -25.21 46.08 11.79
C TYR A 162 -24.36 44.89 12.27
N THR A 163 -23.70 45.05 13.43
CA THR A 163 -22.76 44.05 14.00
C THR A 163 -23.54 42.79 14.41
N ALA A 164 -24.77 42.96 14.87
CA ALA A 164 -25.72 41.85 15.19
C ALA A 164 -26.14 41.16 13.89
N LEU A 165 -26.65 41.93 12.93
CA LEU A 165 -27.11 41.48 11.60
C LEU A 165 -25.97 40.77 10.84
N LEU A 166 -24.72 41.14 11.12
CA LEU A 166 -23.49 40.54 10.50
C LEU A 166 -23.27 39.12 11.07
N PHE A 167 -23.36 38.97 12.39
CA PHE A 167 -23.13 37.68 13.12
C PHE A 167 -24.22 36.68 12.76
N ILE A 168 -25.49 37.10 12.83
CA ILE A 168 -26.70 36.29 12.46
C ILE A 168 -26.55 35.78 11.02
N SER A 169 -26.19 36.66 10.08
CA SER A 169 -26.02 36.35 8.63
C SER A 169 -24.92 35.30 8.44
N ALA A 170 -23.79 35.47 9.13
CA ALA A 170 -22.60 34.58 9.06
C ALA A 170 -22.90 33.21 9.69
N CYS A 171 -23.79 33.16 10.69
CA CYS A 171 -24.13 31.94 11.47
C CYS A 171 -25.20 31.09 10.75
N LEU A 172 -26.11 31.70 9.99
CA LEU A 172 -27.05 30.98 9.10
C LEU A 172 -26.30 30.42 7.91
N GLN A 173 -25.19 31.06 7.51
CA GLN A 173 -24.32 30.63 6.38
C GLN A 173 -23.64 29.31 6.73
N THR A 174 -23.02 29.23 7.92
CA THR A 174 -22.30 28.00 8.39
C THR A 174 -23.29 26.83 8.52
N LEU A 175 -24.50 27.06 9.03
CA LEU A 175 -25.51 26.00 9.26
C LEU A 175 -26.01 25.45 7.92
N VAL A 176 -26.42 26.33 7.00
CA VAL A 176 -26.96 25.97 5.65
C VAL A 176 -25.87 25.25 4.83
N LEU A 177 -24.63 25.72 4.90
CA LEU A 177 -23.45 25.14 4.19
C LEU A 177 -23.30 23.66 4.53
N HIS A 178 -23.22 23.32 5.83
CA HIS A 178 -22.89 21.97 6.34
C HIS A 178 -24.14 21.07 6.34
N GLN A 179 -25.34 21.63 6.19
CA GLN A 179 -26.54 20.86 5.79
C GLN A 179 -26.39 20.43 4.32
N TYR A 180 -26.01 21.36 3.43
CA TYR A 180 -25.77 21.08 1.98
C TYR A 180 -24.72 19.97 1.81
N PHE A 181 -23.64 20.02 2.59
CA PHE A 181 -22.51 19.06 2.50
C PHE A 181 -22.91 17.69 3.06
N HIS A 182 -23.73 17.64 4.12
CA HIS A 182 -24.18 16.36 4.72
C HIS A 182 -24.96 15.55 3.69
N ILE A 183 -25.98 16.15 3.06
CA ILE A 183 -26.90 15.46 2.10
C ILE A 183 -26.16 15.15 0.79
N CYS A 184 -25.06 15.84 0.48
CA CYS A 184 -24.15 15.53 -0.66
C CYS A 184 -23.32 14.29 -0.34
N PHE A 185 -22.69 14.25 0.84
CA PHE A 185 -21.79 13.15 1.30
C PHE A 185 -22.61 11.88 1.59
N VAL A 186 -23.89 12.02 1.94
CA VAL A 186 -24.82 10.88 2.17
C VAL A 186 -25.20 10.28 0.81
N SER A 187 -25.67 11.10 -0.13
CA SER A 187 -26.10 10.68 -1.49
C SER A 187 -24.96 9.97 -2.23
N GLY A 188 -23.71 10.41 -2.01
CA GLY A 188 -22.50 9.79 -2.58
C GLY A 188 -22.20 8.44 -1.95
N MET A 189 -22.39 8.32 -0.63
CA MET A 189 -22.28 7.06 0.15
C MET A 189 -23.36 6.07 -0.30
N ARG A 190 -24.58 6.57 -0.55
CA ARG A 190 -25.74 5.76 -1.02
C ARG A 190 -25.54 5.29 -2.47
N ILE A 191 -24.75 5.99 -3.28
CA ILE A 191 -24.43 5.58 -4.68
C ILE A 191 -23.40 4.43 -4.63
N LYS A 192 -22.36 4.57 -3.79
CA LYS A 192 -21.27 3.56 -3.65
C LYS A 192 -21.89 2.20 -3.31
N THR A 193 -22.73 2.16 -2.27
CA THR A 193 -23.44 0.95 -1.78
C THR A 193 -24.25 0.32 -2.92
N ALA A 194 -24.95 1.15 -3.71
CA ALA A 194 -25.84 0.74 -4.82
C ALA A 194 -25.02 0.17 -5.98
N VAL A 195 -23.98 0.89 -6.43
CA VAL A 195 -23.13 0.52 -7.60
C VAL A 195 -22.44 -0.82 -7.31
N ILE A 196 -21.75 -0.93 -6.17
CA ILE A 196 -21.08 -2.19 -5.72
C ILE A 196 -22.09 -3.34 -5.76
N GLY A 197 -23.29 -3.10 -5.22
CA GLY A 197 -24.40 -4.07 -5.18
C GLY A 197 -24.74 -4.59 -6.56
N ALA A 198 -25.01 -3.68 -7.51
CA ALA A 198 -25.43 -3.99 -8.91
C ALA A 198 -24.34 -4.77 -9.64
N VAL A 199 -23.09 -4.30 -9.57
CA VAL A 199 -21.89 -4.93 -10.21
C VAL A 199 -21.77 -6.38 -9.74
N TYR A 200 -21.95 -6.63 -8.44
CA TYR A 200 -21.80 -7.97 -7.82
C TYR A 200 -22.87 -8.92 -8.34
N ARG A 201 -24.13 -8.50 -8.35
CA ARG A 201 -25.28 -9.28 -8.89
C ARG A 201 -25.02 -9.61 -10.37
N LYS A 202 -24.56 -8.64 -11.15
CA LYS A 202 -24.28 -8.78 -12.62
C LYS A 202 -23.18 -9.83 -12.84
N ALA A 203 -22.12 -9.79 -12.03
CA ALA A 203 -20.93 -10.68 -12.13
C ALA A 203 -21.32 -12.15 -12.02
N LEU A 204 -22.45 -12.47 -11.38
CA LEU A 204 -22.96 -13.86 -11.22
C LEU A 204 -23.71 -14.27 -12.50
N VAL A 205 -24.61 -13.42 -13.01
CA VAL A 205 -25.51 -13.73 -14.15
C VAL A 205 -24.77 -13.56 -15.49
N ILE A 206 -23.66 -12.81 -15.55
CA ILE A 206 -22.87 -12.55 -16.80
C ILE A 206 -22.45 -13.88 -17.44
N THR A 207 -22.26 -13.89 -18.77
CA THR A 207 -21.88 -15.07 -19.59
C THR A 207 -20.35 -15.14 -19.75
N ASN A 208 -19.84 -16.32 -20.12
CA ASN A 208 -18.37 -16.63 -20.21
C ASN A 208 -17.72 -15.76 -21.29
N ALA A 209 -18.38 -15.60 -22.44
CA ALA A 209 -17.94 -14.76 -23.58
C ALA A 209 -17.65 -13.33 -23.11
N ALA A 210 -18.56 -12.75 -22.34
CA ALA A 210 -18.51 -11.35 -21.83
C ALA A 210 -17.43 -11.23 -20.75
N ARG A 211 -17.28 -12.26 -19.90
CA ARG A 211 -16.27 -12.27 -18.79
C ARG A 211 -14.86 -12.39 -19.39
N LYS A 212 -14.71 -13.11 -20.52
CA LYS A 212 -13.41 -13.27 -21.25
C LYS A 212 -13.00 -11.95 -21.92
N SER A 213 -13.93 -11.00 -22.12
CA SER A 213 -13.64 -9.64 -22.65
C SER A 213 -12.72 -8.89 -21.70
N SER A 214 -13.07 -8.85 -20.41
CA SER A 214 -12.32 -8.13 -19.34
C SER A 214 -11.37 -9.09 -18.61
N THR A 215 -10.51 -8.54 -17.75
CA THR A 215 -9.60 -9.29 -16.84
C THR A 215 -10.24 -9.35 -15.45
N VAL A 216 -9.84 -10.31 -14.61
CA VAL A 216 -10.25 -10.41 -13.17
C VAL A 216 -9.85 -9.11 -12.46
N GLY A 217 -8.66 -8.57 -12.78
CA GLY A 217 -8.15 -7.30 -12.26
C GLY A 217 -9.03 -6.12 -12.62
N GLU A 218 -9.44 -6.01 -13.89
CA GLU A 218 -10.22 -4.87 -14.46
C GLU A 218 -11.60 -4.79 -13.82
N ILE A 219 -12.23 -5.94 -13.54
CA ILE A 219 -13.59 -6.05 -12.92
C ILE A 219 -13.49 -5.70 -11.43
N VAL A 220 -12.44 -6.15 -10.75
CA VAL A 220 -12.17 -5.79 -9.32
C VAL A 220 -11.84 -4.29 -9.22
N ASN A 221 -11.12 -3.76 -10.22
CA ASN A 221 -10.79 -2.30 -10.34
C ASN A 221 -12.07 -1.49 -10.63
N LEU A 222 -13.05 -2.08 -11.32
CA LEU A 222 -14.37 -1.46 -11.62
C LEU A 222 -15.14 -1.22 -10.31
N MET A 223 -15.01 -2.12 -9.34
CA MET A 223 -15.67 -2.02 -8.00
C MET A 223 -14.85 -1.12 -7.07
N SER A 224 -13.54 -1.02 -7.28
CA SER A 224 -12.55 -0.39 -6.35
C SER A 224 -12.28 1.07 -6.72
N VAL A 225 -12.14 1.38 -8.01
CA VAL A 225 -11.74 2.72 -8.54
C VAL A 225 -12.99 3.48 -9.00
N ASP A 226 -13.77 2.89 -9.91
CA ASP A 226 -14.89 3.55 -10.64
C ASP A 226 -16.04 3.87 -9.66
N ALA A 227 -16.41 2.92 -8.80
CA ALA A 227 -17.45 3.10 -7.75
C ALA A 227 -17.01 4.14 -6.72
N GLN A 228 -15.72 4.13 -6.36
CA GLN A 228 -15.10 5.07 -5.39
C GLN A 228 -15.17 6.51 -5.94
N ARG A 229 -15.02 6.70 -7.25
CA ARG A 229 -15.05 8.04 -7.91
C ARG A 229 -16.46 8.65 -7.83
N PHE A 230 -17.51 7.82 -7.75
CA PHE A 230 -18.93 8.27 -7.70
C PHE A 230 -19.33 8.67 -6.26
N MET A 231 -18.54 8.32 -5.24
CA MET A 231 -18.62 8.94 -3.90
C MET A 231 -18.17 10.40 -4.01
N ASP A 232 -17.03 10.61 -4.68
CA ASP A 232 -16.34 11.92 -4.79
C ASP A 232 -17.15 12.83 -5.71
N LEU A 233 -17.58 12.33 -6.88
CA LEU A 233 -18.35 13.09 -7.90
C LEU A 233 -19.59 13.72 -7.25
N ALA A 234 -20.31 12.96 -6.41
CA ALA A 234 -21.56 13.35 -5.72
C ALA A 234 -21.37 14.65 -4.94
N THR A 235 -20.17 14.88 -4.39
CA THR A 235 -19.80 16.10 -3.63
C THR A 235 -19.79 17.32 -4.57
N TYR A 236 -18.80 17.39 -5.46
CA TYR A 236 -18.39 18.62 -6.19
C TYR A 236 -19.16 18.82 -7.51
N ILE A 237 -20.12 17.95 -7.86
CA ILE A 237 -20.89 18.07 -9.14
C ILE A 237 -21.73 19.35 -9.15
N ASN A 238 -22.16 19.85 -7.98
CA ASN A 238 -22.97 21.10 -7.83
C ASN A 238 -22.13 22.33 -8.22
N MET A 239 -20.80 22.26 -8.12
CA MET A 239 -19.88 23.42 -8.35
C MET A 239 -19.83 23.78 -9.84
N ILE A 240 -20.37 22.94 -10.74
CA ILE A 240 -20.44 23.23 -12.20
C ILE A 240 -21.36 24.42 -12.46
N TRP A 241 -22.50 24.52 -11.76
CA TRP A 241 -23.46 25.67 -11.87
C TRP A 241 -23.17 26.71 -10.78
N SER A 242 -22.69 26.29 -9.61
CA SER A 242 -22.53 27.15 -8.40
C SER A 242 -21.36 28.13 -8.59
N ALA A 243 -20.20 27.66 -9.03
CA ALA A 243 -18.94 28.45 -9.13
C ALA A 243 -19.07 29.56 -10.17
N PRO A 244 -19.59 29.32 -11.41
CA PRO A 244 -19.80 30.40 -12.37
C PRO A 244 -20.77 31.49 -11.88
N LEU A 245 -21.86 31.10 -11.23
CA LEU A 245 -22.84 32.03 -10.59
C LEU A 245 -22.12 32.83 -9.49
N GLN A 246 -21.23 32.18 -8.75
CA GLN A 246 -20.42 32.80 -7.66
C GLN A 246 -19.42 33.80 -8.26
N VAL A 247 -18.80 33.46 -9.40
CA VAL A 247 -17.81 34.33 -10.10
C VAL A 247 -18.53 35.56 -10.68
N ILE A 248 -19.65 35.35 -11.38
CA ILE A 248 -20.45 36.39 -12.09
C ILE A 248 -20.88 37.46 -11.07
N LEU A 249 -21.34 37.06 -9.88
CA LEU A 249 -21.76 37.97 -8.78
C LEU A 249 -20.53 38.74 -8.27
N ALA A 250 -19.48 38.01 -7.91
CA ALA A 250 -18.20 38.55 -7.37
C ALA A 250 -17.66 39.65 -8.27
N LEU A 251 -17.64 39.42 -9.59
CA LEU A 251 -17.19 40.42 -10.61
C LEU A 251 -18.08 41.67 -10.55
N TYR A 252 -19.40 41.49 -10.42
CA TYR A 252 -20.40 42.59 -10.55
C TYR A 252 -20.38 43.50 -9.31
N LEU A 253 -20.29 42.90 -8.11
CA LEU A 253 -20.16 43.67 -6.84
C LEU A 253 -18.82 44.43 -6.83
N LEU A 254 -17.74 43.77 -7.28
CA LEU A 254 -16.40 44.39 -7.47
C LEU A 254 -16.50 45.59 -8.41
N TRP A 255 -17.30 45.50 -9.48
CA TRP A 255 -17.42 46.53 -10.55
C TRP A 255 -18.08 47.80 -10.00
N LEU A 256 -19.13 47.66 -9.18
CA LEU A 256 -19.87 48.80 -8.57
C LEU A 256 -18.99 49.50 -7.52
N ASN A 257 -18.09 48.76 -6.87
CA ASN A 257 -17.31 49.24 -5.70
C ASN A 257 -16.18 50.17 -6.16
N LEU A 258 -15.45 49.78 -7.21
CA LEU A 258 -14.29 50.55 -7.77
C LEU A 258 -14.68 51.16 -9.13
N GLY A 259 -14.88 50.31 -10.15
CA GLY A 259 -15.11 50.74 -11.55
C GLY A 259 -14.49 49.76 -12.53
N PRO A 260 -14.24 50.15 -13.80
CA PRO A 260 -13.64 49.24 -14.78
C PRO A 260 -12.17 48.91 -14.45
N SER A 261 -11.53 49.73 -13.60
CA SER A 261 -10.18 49.53 -13.01
C SER A 261 -10.01 48.14 -12.38
N VAL A 262 -11.10 47.56 -11.84
CA VAL A 262 -11.07 46.29 -11.06
C VAL A 262 -10.74 45.08 -11.96
N LEU A 263 -10.77 45.24 -13.30
CA LEU A 263 -10.33 44.21 -14.28
C LEU A 263 -8.86 43.82 -14.05
N ALA A 264 -8.00 44.81 -13.78
CA ALA A 264 -6.55 44.65 -13.53
C ALA A 264 -6.30 43.59 -12.44
N GLY A 265 -7.15 43.54 -11.42
CA GLY A 265 -7.05 42.54 -10.33
C GLY A 265 -7.50 41.15 -10.78
N VAL A 266 -8.62 41.09 -11.50
CA VAL A 266 -9.23 39.84 -12.04
C VAL A 266 -8.23 39.20 -13.03
N ALA A 267 -7.54 40.02 -13.83
CA ALA A 267 -6.53 39.62 -14.83
C ALA A 267 -5.43 38.77 -14.18
N VAL A 268 -4.87 39.25 -13.06
CA VAL A 268 -3.77 38.58 -12.29
C VAL A 268 -4.25 37.19 -11.86
N MET A 269 -5.28 37.13 -11.01
CA MET A 269 -5.86 35.87 -10.46
C MET A 269 -6.18 34.88 -11.58
N VAL A 270 -6.68 35.37 -12.72
CA VAL A 270 -7.00 34.55 -13.93
C VAL A 270 -5.70 34.01 -14.55
N LEU A 271 -4.63 34.82 -14.58
CA LEU A 271 -3.32 34.44 -15.19
C LEU A 271 -2.52 33.52 -14.24
N MET A 272 -2.89 33.44 -12.95
CA MET A 272 -2.26 32.51 -11.97
C MET A 272 -2.73 31.07 -12.23
N VAL A 273 -3.93 30.89 -12.77
CA VAL A 273 -4.59 29.56 -13.00
C VAL A 273 -3.77 28.73 -13.99
N PRO A 274 -3.41 29.22 -15.21
CA PRO A 274 -2.57 28.45 -16.13
C PRO A 274 -1.10 28.29 -15.66
N LEU A 275 -0.60 29.20 -14.83
CA LEU A 275 0.74 29.10 -14.20
C LEU A 275 0.72 27.94 -13.18
N ASN A 276 -0.35 27.85 -12.38
CA ASN A 276 -0.57 26.74 -11.41
C ASN A 276 -0.63 25.39 -12.15
N ALA A 277 -1.28 25.36 -13.32
CA ALA A 277 -1.47 24.15 -14.16
C ALA A 277 -0.12 23.65 -14.68
N VAL A 278 0.66 24.53 -15.32
CA VAL A 278 1.99 24.22 -15.95
C VAL A 278 2.94 23.68 -14.87
N MET A 279 3.00 24.33 -13.70
CA MET A 279 3.92 23.96 -12.59
C MET A 279 3.46 22.66 -11.92
N ALA A 280 2.15 22.40 -11.85
CA ALA A 280 1.55 21.17 -11.27
C ALA A 280 1.81 19.96 -12.19
N MET A 281 2.07 20.20 -13.49
CA MET A 281 2.43 19.16 -14.49
C MET A 281 3.92 18.80 -14.34
N LYS A 282 4.78 19.81 -14.14
CA LYS A 282 6.26 19.64 -14.05
C LYS A 282 6.65 18.86 -12.79
N THR A 283 5.91 19.02 -11.68
CA THR A 283 6.15 18.29 -10.40
C THR A 283 5.82 16.80 -10.57
N LYS A 284 4.76 16.48 -11.33
CA LYS A 284 4.29 15.08 -11.59
C LYS A 284 5.38 14.31 -12.34
N THR A 285 6.04 14.93 -13.32
CA THR A 285 7.14 14.32 -14.12
C THR A 285 8.37 14.09 -13.23
N TYR A 286 8.64 15.00 -12.28
CA TYR A 286 9.72 14.87 -11.27
C TYR A 286 9.38 13.75 -10.27
N GLN A 287 8.10 13.63 -9.87
CA GLN A 287 7.61 12.59 -8.92
C GLN A 287 7.81 11.18 -9.51
N VAL A 288 7.50 11.00 -10.81
CA VAL A 288 7.68 9.71 -11.53
C VAL A 288 9.18 9.40 -11.67
N ALA A 289 10.00 10.41 -11.98
CA ALA A 289 11.49 10.31 -12.11
C ALA A 289 12.10 9.88 -10.77
N HIS A 290 11.59 10.41 -9.65
CA HIS A 290 11.98 10.05 -8.26
C HIS A 290 11.58 8.60 -7.96
N MET A 291 10.36 8.21 -8.32
CA MET A 291 9.74 6.89 -7.99
C MET A 291 10.51 5.75 -8.68
N LYS A 292 10.93 5.95 -9.94
CA LYS A 292 11.68 4.95 -10.75
C LYS A 292 13.05 4.69 -10.11
N SER A 293 13.73 5.75 -9.67
CA SER A 293 15.07 5.71 -9.01
C SER A 293 14.98 5.06 -7.62
N LYS A 294 13.82 5.17 -6.96
CA LYS A 294 13.57 4.64 -5.58
C LYS A 294 13.59 3.10 -5.61
N ASP A 295 12.91 2.49 -6.58
CA ASP A 295 12.75 1.01 -6.72
C ASP A 295 14.11 0.33 -6.90
N ASN A 296 15.05 0.97 -7.60
CA ASN A 296 16.45 0.49 -7.80
C ASN A 296 17.14 0.37 -6.44
N ARG A 297 16.96 1.36 -5.55
CA ARG A 297 17.54 1.38 -4.18
C ARG A 297 16.90 0.28 -3.33
N ILE A 298 15.58 0.13 -3.39
CA ILE A 298 14.80 -0.87 -2.58
C ILE A 298 15.17 -2.29 -3.06
N LYS A 299 15.21 -2.51 -4.38
CA LYS A 299 15.59 -3.81 -5.00
C LYS A 299 16.99 -4.22 -4.56
N LEU A 300 17.93 -3.27 -4.45
CA LEU A 300 19.32 -3.52 -3.99
C LEU A 300 19.31 -3.83 -2.48
N MET A 301 18.53 -3.08 -1.69
CA MET A 301 18.39 -3.28 -0.22
C MET A 301 17.80 -4.67 0.06
N ASN A 302 16.82 -5.10 -0.75
CA ASN A 302 16.20 -6.46 -0.65
C ASN A 302 17.28 -7.54 -0.73
N GLU A 303 18.26 -7.39 -1.63
CA GLU A 303 19.39 -8.34 -1.82
C GLU A 303 20.33 -8.30 -0.60
N ILE A 304 20.63 -7.10 -0.09
CA ILE A 304 21.56 -6.86 1.05
C ILE A 304 20.95 -7.46 2.32
N LEU A 305 19.69 -7.12 2.62
CA LEU A 305 18.94 -7.59 3.83
C LEU A 305 18.81 -9.12 3.80
N ASN A 306 18.52 -9.70 2.63
CA ASN A 306 18.42 -11.17 2.43
C ASN A 306 19.80 -11.82 2.60
N GLY A 307 20.80 -11.34 1.84
CA GLY A 307 22.15 -11.95 1.78
C GLY A 307 23.18 -11.21 2.60
N ILE A 308 22.83 -10.75 3.81
CA ILE A 308 23.79 -10.14 4.79
C ILE A 308 24.79 -11.21 5.26
N LYS A 309 24.33 -12.46 5.42
CA LYS A 309 25.08 -13.60 6.02
C LYS A 309 26.40 -13.83 5.27
N VAL A 310 26.37 -13.84 3.94
CA VAL A 310 27.58 -14.00 3.06
C VAL A 310 28.34 -12.67 3.00
N LEU A 311 27.62 -11.55 2.93
CA LEU A 311 28.17 -10.17 2.79
C LEU A 311 29.10 -9.86 3.98
N LYS A 312 28.71 -10.27 5.20
CA LYS A 312 29.49 -10.09 6.44
C LYS A 312 30.79 -10.91 6.38
N LEU A 313 30.70 -12.18 5.94
CA LEU A 313 31.84 -13.14 5.90
C LEU A 313 32.95 -12.62 4.97
N TYR A 314 32.59 -12.04 3.83
CA TYR A 314 33.53 -11.53 2.80
C TYR A 314 34.10 -10.16 3.19
N ALA A 315 33.45 -9.45 4.12
CA ALA A 315 33.75 -8.06 4.57
C ALA A 315 33.41 -7.09 3.43
N TRP A 316 32.18 -7.19 2.90
CA TRP A 316 31.66 -6.40 1.76
C TRP A 316 30.59 -5.40 2.25
N GLU A 317 30.60 -5.05 3.54
CA GLU A 317 29.65 -4.12 4.18
C GLU A 317 29.93 -2.69 3.67
N LEU A 318 31.19 -2.26 3.75
CA LEU A 318 31.65 -0.89 3.36
C LEU A 318 31.49 -0.69 1.85
N ALA A 319 31.76 -1.74 1.05
CA ALA A 319 31.69 -1.73 -0.44
C ALA A 319 30.25 -1.50 -0.90
N PHE A 320 29.28 -2.18 -0.27
CA PHE A 320 27.83 -2.11 -0.62
C PHE A 320 27.17 -0.89 0.05
N LYS A 321 27.79 -0.32 1.08
CA LYS A 321 27.34 0.98 1.70
C LYS A 321 27.55 2.10 0.67
N ASP A 322 28.73 2.15 0.03
CA ASP A 322 29.09 3.12 -1.02
C ASP A 322 28.22 2.91 -2.26
N LYS A 323 27.86 1.66 -2.57
CA LYS A 323 27.06 1.27 -3.77
C LYS A 323 25.62 1.80 -3.64
N VAL A 324 25.03 1.73 -2.45
CA VAL A 324 23.64 2.24 -2.16
C VAL A 324 23.67 3.77 -2.17
N LEU A 325 24.70 4.39 -1.61
CA LEU A 325 24.87 5.87 -1.52
C LEU A 325 25.00 6.48 -2.93
N ALA A 326 25.60 5.76 -3.88
CA ALA A 326 25.76 6.17 -5.30
C ALA A 326 24.38 6.29 -5.98
N ILE A 327 23.46 5.36 -5.67
CA ILE A 327 22.05 5.37 -6.17
C ILE A 327 21.25 6.46 -5.42
N ARG A 328 21.53 6.66 -4.12
CA ARG A 328 20.80 7.62 -3.24
C ARG A 328 21.04 9.05 -3.71
N GLN A 329 22.28 9.40 -4.10
CA GLN A 329 22.66 10.76 -4.59
C GLN A 329 21.93 11.07 -5.90
N GLU A 330 21.74 10.07 -6.77
CA GLU A 330 20.99 10.19 -8.06
C GLU A 330 19.51 10.51 -7.78
N GLU A 331 18.96 10.02 -6.66
CA GLU A 331 17.56 10.23 -6.22
C GLU A 331 17.42 11.61 -5.56
N LEU A 332 18.42 12.05 -4.79
CA LEU A 332 18.40 13.34 -4.04
C LEU A 332 18.59 14.53 -4.98
N LYS A 333 19.15 14.32 -6.18
CA LYS A 333 19.33 15.38 -7.22
C LYS A 333 17.97 15.71 -7.86
N VAL A 334 17.08 14.72 -7.99
CA VAL A 334 15.71 14.87 -8.57
C VAL A 334 14.81 15.59 -7.54
N LEU A 335 14.97 15.28 -6.25
CA LEU A 335 14.28 15.99 -5.13
C LEU A 335 14.77 17.44 -5.04
N LYS A 336 16.05 17.69 -5.30
CA LYS A 336 16.67 19.05 -5.27
C LYS A 336 16.04 19.93 -6.36
N LYS A 337 15.77 19.36 -7.53
CA LYS A 337 15.05 20.04 -8.65
C LYS A 337 13.58 20.28 -8.26
N SER A 338 12.95 19.33 -7.56
CA SER A 338 11.56 19.42 -7.03
C SER A 338 11.45 20.50 -5.94
N ALA A 339 12.51 20.68 -5.15
CA ALA A 339 12.60 21.68 -4.05
C ALA A 339 12.52 23.10 -4.63
N TYR A 340 13.31 23.39 -5.66
CA TYR A 340 13.30 24.75 -6.28
C TYR A 340 11.88 25.03 -6.78
N LEU A 341 11.26 24.06 -7.43
CA LEU A 341 9.89 24.26 -7.99
C LEU A 341 8.92 24.56 -6.84
N ALA A 342 8.82 23.67 -5.85
CA ALA A 342 7.88 23.87 -4.73
C ALA A 342 8.00 25.27 -4.14
N ALA A 343 9.22 25.76 -3.96
CA ALA A 343 9.45 27.12 -3.39
C ALA A 343 8.60 28.16 -4.13
N VAL A 344 8.53 28.07 -5.47
CA VAL A 344 7.77 29.00 -6.35
C VAL A 344 6.26 28.76 -6.13
N GLY A 345 5.86 27.54 -5.80
CA GLY A 345 4.46 27.16 -5.48
C GLY A 345 3.93 27.93 -4.29
N THR A 346 4.68 27.94 -3.17
CA THR A 346 4.32 28.66 -1.91
C THR A 346 4.54 30.17 -2.08
N PHE A 347 5.39 30.59 -3.03
CA PHE A 347 5.64 32.02 -3.34
C PHE A 347 4.38 32.65 -3.93
N THR A 348 3.83 32.07 -5.00
CA THR A 348 2.64 32.60 -5.74
C THR A 348 1.42 32.66 -4.81
N TRP A 349 1.25 31.66 -3.93
CA TRP A 349 0.09 31.56 -3.00
C TRP A 349 0.03 32.77 -2.06
N VAL A 350 1.15 33.12 -1.44
CA VAL A 350 1.22 34.16 -0.36
C VAL A 350 1.15 35.56 -0.99
N CYS A 351 1.85 35.79 -2.11
CA CYS A 351 2.03 37.12 -2.74
C CYS A 351 0.89 37.45 -3.72
N THR A 352 0.03 36.49 -4.08
CA THR A 352 -1.17 36.70 -4.94
C THR A 352 -2.07 37.77 -4.32
N PRO A 353 -2.60 37.58 -3.08
CA PRO A 353 -3.49 38.59 -2.48
C PRO A 353 -2.89 40.00 -2.35
N PHE A 354 -1.55 40.12 -2.30
CA PHE A 354 -0.85 41.42 -2.37
C PHE A 354 -0.82 41.93 -3.82
N LEU A 355 -0.28 41.13 -4.74
CA LEU A 355 -0.08 41.50 -6.17
C LEU A 355 -1.39 42.00 -6.78
N VAL A 356 -2.50 41.32 -6.49
CA VAL A 356 -3.88 41.69 -6.95
C VAL A 356 -4.22 43.07 -6.39
N ALA A 357 -4.10 43.25 -5.07
CA ALA A 357 -4.40 44.50 -4.33
C ALA A 357 -3.59 45.66 -4.92
N LEU A 358 -2.27 45.50 -5.04
CA LEU A 358 -1.34 46.52 -5.57
C LEU A 358 -1.76 46.91 -7.00
N SER A 359 -1.89 45.93 -7.89
CA SER A 359 -2.21 46.13 -9.34
C SER A 359 -3.51 46.92 -9.49
N THR A 360 -4.55 46.56 -8.72
CA THR A 360 -5.91 47.19 -8.78
C THR A 360 -5.86 48.63 -8.27
N PHE A 361 -5.23 48.87 -7.13
CA PHE A 361 -5.16 50.22 -6.49
C PHE A 361 -4.25 51.13 -7.33
N ALA A 362 -3.10 50.62 -7.76
CA ALA A 362 -2.11 51.35 -8.60
C ALA A 362 -2.80 51.88 -9.85
N VAL A 363 -3.53 51.01 -10.57
CA VAL A 363 -4.32 51.39 -11.78
C VAL A 363 -5.35 52.45 -11.38
N TYR A 364 -6.24 52.11 -10.44
CA TYR A 364 -7.38 52.97 -9.99
C TYR A 364 -6.89 54.39 -9.66
N VAL A 365 -5.85 54.48 -8.82
CA VAL A 365 -5.34 55.75 -8.23
C VAL A 365 -4.75 56.64 -9.33
N THR A 366 -3.95 56.06 -10.25
CA THR A 366 -3.13 56.81 -11.23
C THR A 366 -4.02 57.39 -12.35
N VAL A 367 -4.77 56.54 -13.06
CA VAL A 367 -5.49 56.85 -14.33
C VAL A 367 -6.12 58.26 -14.27
N ASP A 368 -6.71 58.62 -13.13
CA ASP A 368 -7.26 59.97 -12.85
C ASP A 368 -6.99 60.36 -11.40
N GLU A 369 -6.60 61.63 -11.18
CA GLU A 369 -6.24 62.19 -9.85
C GLU A 369 -7.48 62.30 -8.96
N ASN A 370 -8.68 62.41 -9.55
CA ASN A 370 -9.96 62.65 -8.84
C ASN A 370 -10.52 61.35 -8.26
N ASN A 371 -10.00 60.18 -8.67
CA ASN A 371 -10.32 58.86 -8.06
C ASN A 371 -9.75 58.81 -6.64
N ILE A 372 -10.60 59.00 -5.63
CA ILE A 372 -10.21 59.00 -4.18
C ILE A 372 -10.37 57.58 -3.63
N LEU A 373 -9.35 57.06 -2.96
CA LEU A 373 -9.35 55.72 -2.32
C LEU A 373 -9.79 55.85 -0.86
N ASP A 374 -11.04 55.48 -0.58
CA ASP A 374 -11.67 55.47 0.78
C ASP A 374 -11.55 54.07 1.38
N ALA A 375 -11.65 53.96 2.71
CA ALA A 375 -11.67 52.69 3.48
C ALA A 375 -12.84 51.81 3.02
N GLN A 376 -14.00 52.43 2.74
CA GLN A 376 -15.25 51.75 2.29
C GLN A 376 -15.06 51.15 0.89
N LYS A 377 -14.17 51.73 0.06
CA LYS A 377 -13.83 51.21 -1.29
C LYS A 377 -12.74 50.13 -1.19
N ALA A 378 -11.65 50.46 -0.47
CA ALA A 378 -10.39 49.68 -0.43
C ALA A 378 -10.62 48.29 0.19
N PHE A 379 -11.19 48.23 1.39
CA PHE A 379 -11.28 47.00 2.23
C PHE A 379 -12.44 46.11 1.78
N VAL A 380 -13.52 46.70 1.25
CA VAL A 380 -14.70 45.95 0.71
C VAL A 380 -14.25 45.23 -0.57
N SER A 381 -13.57 45.92 -1.49
CA SER A 381 -13.03 45.36 -2.75
C SER A 381 -12.00 44.26 -2.43
N LEU A 382 -11.15 44.49 -1.43
CA LEU A 382 -10.10 43.54 -0.96
C LEU A 382 -10.76 42.26 -0.42
N ALA A 383 -11.90 42.39 0.29
CA ALA A 383 -12.67 41.27 0.85
C ALA A 383 -13.39 40.50 -0.27
N LEU A 384 -13.98 41.22 -1.23
CA LEU A 384 -14.65 40.65 -2.44
C LEU A 384 -13.64 39.83 -3.25
N PHE A 385 -12.41 40.33 -3.42
CA PHE A 385 -11.30 39.65 -4.15
C PHE A 385 -10.99 38.29 -3.51
N ASN A 386 -11.07 38.19 -2.17
CA ASN A 386 -10.81 36.93 -1.41
C ASN A 386 -12.00 35.98 -1.54
N ILE A 387 -13.22 36.50 -1.72
CA ILE A 387 -14.44 35.68 -2.04
C ILE A 387 -14.30 35.17 -3.48
N LEU A 388 -13.84 36.03 -4.41
CA LEU A 388 -13.66 35.71 -5.86
C LEU A 388 -12.56 34.65 -6.06
N ARG A 389 -11.59 34.56 -5.15
CA ARG A 389 -10.36 33.71 -5.31
C ARG A 389 -10.73 32.22 -5.25
N PHE A 390 -11.68 31.82 -4.40
CA PHE A 390 -11.96 30.38 -4.21
C PHE A 390 -12.52 29.72 -5.49
N PRO A 391 -13.58 30.25 -6.13
CA PRO A 391 -14.19 29.54 -7.27
C PRO A 391 -13.22 29.38 -8.45
N LEU A 392 -12.43 30.42 -8.75
CA LEU A 392 -11.56 30.29 -9.95
C LEU A 392 -10.60 29.10 -9.72
N ASN A 393 -10.00 29.01 -8.52
CA ASN A 393 -9.05 27.91 -8.20
C ASN A 393 -9.70 26.52 -8.22
N ILE A 394 -10.93 26.39 -7.72
CA ILE A 394 -11.57 25.05 -7.61
C ILE A 394 -12.16 24.65 -8.96
N LEU A 395 -12.20 25.58 -9.92
CA LEU A 395 -12.86 25.31 -11.23
C LEU A 395 -12.02 24.38 -12.10
N PRO A 396 -10.67 24.51 -12.17
CA PRO A 396 -9.84 23.56 -12.90
C PRO A 396 -9.84 22.14 -12.33
N MET A 397 -9.99 21.98 -11.00
CA MET A 397 -10.06 20.66 -10.31
C MET A 397 -11.42 20.00 -10.60
N VAL A 398 -12.50 20.78 -10.60
CA VAL A 398 -13.91 20.32 -10.86
C VAL A 398 -13.96 19.74 -12.28
N ILE A 399 -13.65 20.55 -13.30
CA ILE A 399 -13.72 20.18 -14.75
C ILE A 399 -12.81 18.98 -15.02
N SER A 400 -11.61 18.96 -14.44
CA SER A 400 -10.63 17.84 -14.51
C SER A 400 -11.27 16.52 -14.07
N SER A 401 -12.00 16.56 -12.95
CA SER A 401 -12.57 15.36 -12.26
C SER A 401 -13.85 14.88 -12.97
N ILE A 402 -14.66 15.79 -13.50
CA ILE A 402 -15.92 15.47 -14.26
C ILE A 402 -15.55 14.69 -15.52
N VAL A 403 -14.40 15.01 -16.14
CA VAL A 403 -13.85 14.30 -17.35
C VAL A 403 -13.52 12.85 -16.96
N GLN A 404 -12.77 12.66 -15.87
CA GLN A 404 -12.33 11.33 -15.37
C GLN A 404 -13.54 10.48 -14.95
N ALA A 405 -14.60 11.11 -14.42
CA ALA A 405 -15.86 10.45 -14.02
C ALA A 405 -16.58 9.89 -15.26
N SER A 406 -16.48 10.59 -16.40
CA SER A 406 -17.11 10.21 -17.69
C SER A 406 -16.41 8.98 -18.30
N VAL A 407 -15.14 8.74 -17.94
CA VAL A 407 -14.39 7.50 -18.29
C VAL A 407 -14.98 6.34 -17.50
N SER A 408 -15.14 6.52 -16.18
CA SER A 408 -15.67 5.51 -15.21
C SER A 408 -17.14 5.19 -15.51
N LEU A 409 -17.93 6.21 -15.86
CA LEU A 409 -19.38 6.09 -16.21
C LEU A 409 -19.53 5.16 -17.43
N LYS A 410 -18.65 5.31 -18.42
CA LYS A 410 -18.62 4.48 -19.67
C LYS A 410 -18.26 3.03 -19.32
N ARG A 411 -17.28 2.82 -18.44
CA ARG A 411 -16.79 1.48 -18.01
C ARG A 411 -17.92 0.69 -17.34
N LEU A 412 -18.71 1.33 -16.48
CA LEU A 412 -19.88 0.71 -15.79
C LEU A 412 -20.96 0.34 -16.82
N ARG A 413 -21.31 1.29 -17.70
CA ARG A 413 -22.37 1.12 -18.74
C ARG A 413 -22.05 -0.11 -19.61
N VAL A 414 -20.78 -0.27 -20.00
CA VAL A 414 -20.26 -1.45 -20.77
C VAL A 414 -20.54 -2.73 -19.98
N PHE A 415 -20.09 -2.80 -18.72
CA PHE A 415 -20.13 -4.01 -17.87
C PHE A 415 -21.58 -4.39 -17.53
N LEU A 416 -22.41 -3.41 -17.14
CA LEU A 416 -23.81 -3.64 -16.71
C LEU A 416 -24.64 -4.17 -17.89
N SER A 417 -24.41 -3.66 -19.10
CA SER A 417 -25.20 -3.97 -20.32
C SER A 417 -24.59 -5.14 -21.12
N HIS A 418 -23.93 -6.10 -20.44
CA HIS A 418 -23.52 -7.40 -21.01
C HIS A 418 -24.73 -8.35 -21.07
N GLU A 419 -24.65 -9.40 -21.90
CA GLU A 419 -25.71 -10.44 -22.05
C GLU A 419 -25.54 -11.46 -20.93
N ASP A 420 -26.58 -11.67 -20.11
CA ASP A 420 -26.62 -12.70 -19.04
C ASP A 420 -26.95 -14.06 -19.66
N LEU A 421 -26.73 -15.14 -18.91
CA LEU A 421 -27.07 -16.53 -19.32
C LEU A 421 -28.59 -16.72 -19.25
N ASP A 422 -29.17 -17.42 -20.22
CA ASP A 422 -30.61 -17.80 -20.24
C ASP A 422 -30.82 -18.88 -19.17
N PRO A 423 -31.59 -18.61 -18.08
CA PRO A 423 -31.74 -19.59 -17.00
C PRO A 423 -32.61 -20.80 -17.39
N ASP A 424 -33.60 -20.60 -18.26
CA ASP A 424 -34.56 -21.65 -18.71
C ASP A 424 -34.07 -22.25 -20.05
N SER A 425 -32.76 -22.54 -20.15
CA SER A 425 -32.15 -23.38 -21.22
C SER A 425 -32.21 -24.85 -20.79
N ILE A 426 -31.86 -25.11 -19.52
CA ILE A 426 -32.02 -26.43 -18.83
C ILE A 426 -33.30 -26.34 -17.98
N GLN A 427 -34.16 -27.37 -18.05
CA GLN A 427 -35.54 -27.35 -17.49
C GLN A 427 -35.49 -27.36 -15.95
N ARG A 428 -34.76 -28.30 -15.35
CA ARG A 428 -34.68 -28.56 -13.88
C ARG A 428 -36.05 -29.04 -13.37
N ARG A 429 -36.52 -30.20 -13.87
CA ARG A 429 -37.82 -30.82 -13.54
C ARG A 429 -37.79 -31.31 -12.08
N SER A 439 -32.44 -39.62 -14.99
CA SER A 439 -31.87 -38.58 -14.10
C SER A 439 -31.40 -37.36 -14.91
N ILE A 440 -30.53 -37.59 -15.91
CA ILE A 440 -30.06 -36.57 -16.89
C ILE A 440 -30.25 -37.13 -18.32
N THR A 441 -30.82 -36.32 -19.22
CA THR A 441 -31.17 -36.68 -20.62
C THR A 441 -30.87 -35.50 -21.55
N VAL A 442 -30.39 -35.79 -22.77
CA VAL A 442 -30.06 -34.78 -23.83
C VAL A 442 -30.66 -35.26 -25.15
N LYS A 443 -31.12 -34.33 -26.01
CA LYS A 443 -31.72 -34.64 -27.34
C LYS A 443 -31.23 -33.64 -28.41
N ASN A 444 -30.15 -33.99 -29.12
CA ASN A 444 -29.57 -33.27 -30.30
C ASN A 444 -29.15 -31.85 -29.88
N ALA A 445 -28.34 -31.74 -28.82
CA ALA A 445 -27.87 -30.47 -28.24
C ALA A 445 -26.61 -30.00 -28.98
N THR A 446 -26.54 -28.69 -29.29
CA THR A 446 -25.38 -28.02 -29.93
C THR A 446 -24.99 -26.79 -29.10
N PHE A 447 -23.72 -26.69 -28.69
CA PHE A 447 -23.22 -25.67 -27.74
C PHE A 447 -21.99 -24.95 -28.32
N THR A 448 -22.04 -23.61 -28.32
CA THR A 448 -20.88 -22.71 -28.55
C THR A 448 -20.35 -22.22 -27.20
N TRP A 449 -19.16 -21.59 -27.19
CA TRP A 449 -18.62 -20.85 -26.01
C TRP A 449 -19.02 -19.37 -26.11
N ALA A 450 -19.04 -18.80 -27.31
CA ALA A 450 -19.40 -17.39 -27.60
C ALA A 450 -20.71 -17.33 -28.40
N ARG A 451 -21.43 -16.19 -28.30
CA ARG A 451 -22.78 -15.96 -28.89
C ARG A 451 -22.80 -16.33 -30.38
N ASN A 452 -21.71 -16.05 -31.10
CA ASN A 452 -21.46 -16.52 -32.50
C ASN A 452 -20.01 -17.01 -32.61
N ASP A 453 -19.83 -18.29 -32.96
CA ASP A 453 -18.53 -19.01 -32.98
C ASP A 453 -18.78 -20.40 -33.58
N PRO A 454 -17.79 -21.07 -34.22
CA PRO A 454 -17.92 -22.49 -34.56
C PRO A 454 -18.41 -23.34 -33.38
N PRO A 455 -19.60 -23.99 -33.46
CA PRO A 455 -20.12 -24.84 -32.38
C PRO A 455 -19.17 -25.92 -31.88
N THR A 456 -18.92 -25.96 -30.56
CA THR A 456 -18.00 -26.91 -29.89
C THR A 456 -18.58 -28.32 -29.97
N LEU A 457 -19.72 -28.54 -29.32
CA LEU A 457 -20.45 -29.84 -29.27
C LEU A 457 -21.61 -29.78 -30.27
N HIS A 458 -21.74 -30.78 -31.15
CA HIS A 458 -22.72 -30.83 -32.26
C HIS A 458 -23.31 -32.23 -32.40
N GLY A 459 -24.60 -32.39 -32.06
CA GLY A 459 -25.36 -33.66 -32.20
C GLY A 459 -25.02 -34.66 -31.13
N ILE A 460 -25.41 -34.39 -29.88
CA ILE A 460 -25.29 -35.33 -28.73
C ILE A 460 -26.70 -35.69 -28.24
N THR A 461 -26.98 -36.99 -28.08
CA THR A 461 -28.29 -37.55 -27.64
C THR A 461 -28.05 -38.75 -26.72
N PHE A 462 -27.96 -38.52 -25.41
CA PHE A 462 -27.70 -39.57 -24.39
C PHE A 462 -28.62 -39.35 -23.18
N SER A 463 -29.01 -40.46 -22.54
CA SER A 463 -29.88 -40.52 -21.32
C SER A 463 -29.23 -41.43 -20.28
N VAL A 464 -29.12 -40.96 -19.03
CA VAL A 464 -28.47 -41.66 -17.89
C VAL A 464 -29.55 -42.12 -16.92
N PRO A 465 -29.72 -43.45 -16.69
CA PRO A 465 -30.61 -43.95 -15.64
C PRO A 465 -30.31 -43.40 -14.24
N GLU A 466 -31.31 -43.34 -13.37
CA GLU A 466 -31.18 -42.88 -11.95
C GLU A 466 -30.30 -43.87 -11.19
N GLY A 467 -29.29 -43.37 -10.45
CA GLY A 467 -28.41 -44.16 -9.60
C GLY A 467 -27.51 -45.07 -10.40
N SER A 468 -26.76 -44.51 -11.36
CA SER A 468 -25.79 -45.22 -12.22
C SER A 468 -24.50 -44.41 -12.35
N LEU A 469 -23.37 -45.10 -12.59
CA LEU A 469 -22.01 -44.51 -12.77
C LEU A 469 -21.67 -44.50 -14.26
N VAL A 470 -21.59 -43.30 -14.86
CA VAL A 470 -21.27 -43.07 -16.30
C VAL A 470 -19.83 -42.57 -16.39
N ALA A 471 -19.13 -42.91 -17.49
CA ALA A 471 -17.69 -42.61 -17.71
C ALA A 471 -17.50 -41.99 -19.10
N VAL A 472 -17.06 -40.73 -19.15
CA VAL A 472 -16.74 -39.99 -20.41
C VAL A 472 -15.24 -40.14 -20.68
N VAL A 473 -14.87 -40.63 -21.87
CA VAL A 473 -13.47 -40.93 -22.29
C VAL A 473 -13.23 -40.40 -23.71
N GLY A 474 -11.96 -40.31 -24.11
CA GLY A 474 -11.50 -39.82 -25.43
C GLY A 474 -10.15 -39.14 -25.34
N GLN A 475 -9.69 -38.55 -26.46
CA GLN A 475 -8.41 -37.81 -26.55
C GLN A 475 -8.61 -36.37 -26.05
N VAL A 476 -7.52 -35.63 -25.88
CA VAL A 476 -7.54 -34.19 -25.45
C VAL A 476 -8.19 -33.36 -26.57
N GLY A 477 -8.99 -32.37 -26.19
CA GLY A 477 -9.70 -31.46 -27.12
C GLY A 477 -10.75 -32.19 -27.95
N CYS A 478 -11.50 -33.10 -27.32
CA CYS A 478 -12.66 -33.84 -27.91
C CYS A 478 -13.99 -33.28 -27.36
N GLY A 479 -13.94 -32.19 -26.58
CA GLY A 479 -15.11 -31.57 -25.94
C GLY A 479 -15.59 -32.31 -24.70
N LYS A 480 -14.78 -33.23 -24.16
CA LYS A 480 -15.10 -34.00 -22.92
C LYS A 480 -15.08 -33.04 -21.71
N SER A 481 -14.24 -32.00 -21.76
CA SER A 481 -14.16 -30.93 -20.73
C SER A 481 -15.40 -30.02 -20.82
N SER A 482 -15.84 -29.71 -22.05
CA SER A 482 -17.00 -28.82 -22.36
C SER A 482 -18.33 -29.46 -21.95
N LEU A 483 -18.41 -30.80 -21.95
CA LEU A 483 -19.67 -31.58 -21.76
C LEU A 483 -20.31 -31.24 -20.40
N LEU A 484 -19.51 -31.23 -19.33
CA LEU A 484 -19.99 -30.96 -17.94
C LEU A 484 -20.37 -29.48 -17.80
N SER A 485 -19.64 -28.58 -18.48
CA SER A 485 -19.92 -27.11 -18.51
C SER A 485 -21.26 -26.84 -19.22
N ALA A 486 -21.67 -27.72 -20.15
CA ALA A 486 -22.94 -27.60 -20.92
C ALA A 486 -24.14 -27.92 -20.03
N LEU A 487 -24.05 -28.99 -19.23
CA LEU A 487 -25.14 -29.42 -18.30
C LEU A 487 -25.37 -28.37 -17.21
N LEU A 488 -24.32 -27.64 -16.80
CA LEU A 488 -24.39 -26.61 -15.72
C LEU A 488 -24.93 -25.27 -16.27
N ALA A 489 -25.20 -25.18 -17.57
CA ALA A 489 -25.77 -24.00 -18.28
C ALA A 489 -24.77 -22.84 -18.24
N GLU A 490 -23.50 -23.12 -18.57
CA GLU A 490 -22.42 -22.11 -18.75
C GLU A 490 -22.28 -21.76 -20.23
N MET A 491 -22.39 -22.77 -21.11
CA MET A 491 -22.33 -22.62 -22.59
C MET A 491 -23.70 -22.17 -23.13
N ASP A 492 -23.70 -21.47 -24.27
CA ASP A 492 -24.93 -20.98 -24.96
C ASP A 492 -25.46 -22.10 -25.86
N LYS A 493 -26.73 -22.49 -25.69
CA LYS A 493 -27.41 -23.53 -26.51
C LYS A 493 -27.82 -22.92 -27.85
N VAL A 494 -27.79 -23.74 -28.91
CA VAL A 494 -28.20 -23.36 -30.30
C VAL A 494 -29.52 -24.08 -30.60
N GLU A 495 -29.53 -25.41 -30.51
CA GLU A 495 -30.73 -26.29 -30.69
C GLU A 495 -30.63 -27.47 -29.73
N GLY A 496 -31.78 -28.11 -29.44
CA GLY A 496 -31.87 -29.37 -28.66
C GLY A 496 -32.60 -29.19 -27.33
N HIS A 497 -32.89 -30.32 -26.66
CA HIS A 497 -33.57 -30.40 -25.34
C HIS A 497 -32.62 -31.02 -24.31
N VAL A 498 -32.50 -30.39 -23.14
CA VAL A 498 -31.62 -30.83 -22.00
C VAL A 498 -32.39 -30.62 -20.68
N THR A 499 -32.35 -31.60 -19.77
CA THR A 499 -32.92 -31.52 -18.40
C THR A 499 -32.12 -32.41 -17.43
N VAL A 500 -31.93 -31.93 -16.20
CA VAL A 500 -31.26 -32.69 -15.09
C VAL A 500 -32.21 -32.69 -13.88
N LYS A 501 -32.35 -33.85 -13.22
CA LYS A 501 -33.33 -34.09 -12.12
C LYS A 501 -32.66 -33.88 -10.77
N GLY A 502 -33.22 -32.99 -9.94
CA GLY A 502 -32.81 -32.78 -8.54
C GLY A 502 -31.55 -31.93 -8.43
N SER A 503 -30.93 -31.93 -7.24
CA SER A 503 -29.74 -31.11 -6.90
C SER A 503 -28.50 -31.65 -7.63
N VAL A 504 -27.54 -30.77 -7.93
CA VAL A 504 -26.30 -31.07 -8.71
C VAL A 504 -25.08 -30.63 -7.90
N ALA A 505 -24.06 -31.50 -7.79
CA ALA A 505 -22.77 -31.25 -7.11
C ALA A 505 -21.63 -31.38 -8.14
N TYR A 506 -20.70 -30.42 -8.12
CA TYR A 506 -19.66 -30.19 -9.17
C TYR A 506 -18.26 -30.20 -8.53
N VAL A 507 -17.28 -30.74 -9.25
CA VAL A 507 -15.84 -30.80 -8.85
C VAL A 507 -14.99 -30.35 -10.04
N PRO A 508 -14.58 -29.06 -10.13
CA PRO A 508 -13.86 -28.57 -11.31
C PRO A 508 -12.40 -29.08 -11.38
N GLN A 509 -11.82 -29.10 -12.59
CA GLN A 509 -10.40 -29.48 -12.84
C GLN A 509 -9.49 -28.58 -11.99
N GLN A 510 -9.57 -27.26 -12.20
CA GLN A 510 -8.84 -26.24 -11.40
C GLN A 510 -9.67 -25.93 -10.14
N ALA A 511 -9.32 -26.57 -9.03
CA ALA A 511 -10.06 -26.51 -7.73
C ALA A 511 -10.01 -25.08 -7.17
N TRP A 512 -11.17 -24.53 -6.81
CA TRP A 512 -11.34 -23.19 -6.18
C TRP A 512 -11.54 -23.37 -4.67
N ILE A 513 -10.71 -22.70 -3.87
CA ILE A 513 -10.69 -22.81 -2.37
C ILE A 513 -10.65 -21.39 -1.78
N GLN A 514 -11.81 -20.88 -1.35
CA GLN A 514 -11.94 -19.53 -0.71
C GLN A 514 -11.20 -19.54 0.63
N ASN A 515 -10.56 -18.42 0.98
CA ASN A 515 -9.67 -18.30 2.17
C ASN A 515 -10.53 -18.20 3.45
N ILE A 516 -10.84 -19.35 4.05
CA ILE A 516 -11.59 -19.49 5.34
C ILE A 516 -11.04 -20.71 6.11
N SER A 517 -11.63 -21.03 7.27
CA SER A 517 -11.34 -22.23 8.09
C SER A 517 -11.61 -23.50 7.25
N LEU A 518 -10.62 -24.39 7.15
CA LEU A 518 -10.64 -25.61 6.29
C LEU A 518 -11.83 -26.51 6.64
N ARG A 519 -12.27 -26.53 7.90
CA ARG A 519 -13.53 -27.20 8.33
C ARG A 519 -14.71 -26.52 7.61
N GLU A 520 -14.81 -25.20 7.73
CA GLU A 520 -15.93 -24.37 7.19
C GLU A 520 -15.86 -24.30 5.66
N ASN A 521 -14.72 -24.66 5.07
CA ASN A 521 -14.50 -24.76 3.59
C ASN A 521 -15.21 -26.00 3.05
N ILE A 522 -15.04 -27.15 3.71
CA ILE A 522 -15.68 -28.46 3.34
C ILE A 522 -17.17 -28.41 3.68
N LEU A 523 -17.55 -27.74 4.79
CA LEU A 523 -18.97 -27.58 5.19
C LEU A 523 -19.70 -26.64 4.21
N PHE A 524 -19.02 -25.59 3.73
CA PHE A 524 -19.45 -24.71 2.62
C PHE A 524 -20.81 -24.05 2.96
N GLY A 525 -20.99 -23.64 4.22
CA GLY A 525 -22.23 -23.03 4.73
C GLY A 525 -23.33 -24.05 4.89
N ARG A 526 -23.05 -25.16 5.60
CA ARG A 526 -24.04 -26.19 6.02
C ARG A 526 -23.85 -26.50 7.52
N GLN A 527 -24.93 -26.94 8.18
CA GLN A 527 -24.95 -27.30 9.62
C GLN A 527 -24.13 -28.58 9.83
N LEU A 528 -23.25 -28.59 10.84
CA LEU A 528 -22.26 -29.67 11.09
C LEU A 528 -22.99 -30.95 11.52
N GLN A 529 -22.46 -32.10 11.09
CA GLN A 529 -22.89 -33.47 11.49
C GLN A 529 -21.62 -34.29 11.71
N GLU A 530 -21.22 -34.44 12.98
CA GLU A 530 -19.86 -34.90 13.41
C GLU A 530 -19.58 -36.31 12.89
N ARG A 531 -20.53 -37.24 13.04
CA ARG A 531 -20.41 -38.66 12.63
C ARG A 531 -20.14 -38.75 11.12
N TYR A 532 -20.94 -38.05 10.32
CA TYR A 532 -20.88 -38.04 8.83
C TYR A 532 -19.62 -37.30 8.37
N TYR A 533 -19.32 -36.14 8.97
CA TYR A 533 -18.12 -35.30 8.67
C TYR A 533 -16.84 -36.12 8.86
N LYS A 534 -16.82 -37.00 9.87
CA LYS A 534 -15.67 -37.91 10.17
C LYS A 534 -15.52 -38.95 9.05
N ALA A 535 -16.65 -39.51 8.57
CA ALA A 535 -16.72 -40.60 7.58
C ALA A 535 -16.20 -40.14 6.21
N VAL A 536 -16.58 -38.94 5.77
CA VAL A 536 -16.22 -38.39 4.41
C VAL A 536 -14.74 -37.97 4.40
N VAL A 537 -14.25 -37.34 5.47
CA VAL A 537 -12.83 -36.90 5.63
C VAL A 537 -11.92 -38.13 5.61
N GLU A 538 -12.33 -39.21 6.28
CA GLU A 538 -11.62 -40.52 6.30
C GLU A 538 -11.67 -41.15 4.89
N ALA A 539 -12.87 -41.21 4.30
CA ALA A 539 -13.15 -41.84 2.98
C ALA A 539 -12.40 -41.11 1.86
N CYS A 540 -12.23 -39.79 1.96
CA CYS A 540 -11.50 -38.94 0.98
C CYS A 540 -9.98 -39.10 1.13
N ALA A 541 -9.51 -39.79 2.18
CA ALA A 541 -8.08 -40.03 2.49
C ALA A 541 -7.38 -38.69 2.78
N LEU A 542 -8.03 -37.83 3.57
CA LEU A 542 -7.59 -36.45 3.88
C LEU A 542 -6.90 -36.40 5.27
N LEU A 543 -7.02 -37.46 6.08
CA LEU A 543 -6.42 -37.55 7.45
C LEU A 543 -4.89 -37.55 7.38
N PRO A 544 -4.23 -38.28 6.45
CA PRO A 544 -2.79 -38.17 6.25
C PRO A 544 -2.27 -36.75 5.96
N ASP A 545 -3.06 -35.97 5.21
CA ASP A 545 -2.76 -34.55 4.85
C ASP A 545 -3.10 -33.63 6.03
N LEU A 546 -4.20 -33.90 6.74
CA LEU A 546 -4.73 -33.09 7.88
C LEU A 546 -3.69 -33.02 9.00
N GLU A 547 -3.08 -34.15 9.35
CA GLU A 547 -2.11 -34.29 10.48
C GLU A 547 -0.83 -33.48 10.20
N ILE A 548 -0.42 -33.37 8.93
CA ILE A 548 0.83 -32.67 8.49
C ILE A 548 0.69 -31.16 8.72
N LEU A 549 -0.49 -30.59 8.44
CA LEU A 549 -0.77 -29.12 8.48
C LEU A 549 -0.53 -28.59 9.89
N PRO A 550 0.10 -27.39 10.06
CA PRO A 550 0.51 -26.89 11.37
C PRO A 550 -0.60 -26.87 12.44
N SER A 551 -1.74 -26.25 12.13
CA SER A 551 -2.91 -26.11 13.04
C SER A 551 -3.69 -27.43 13.09
N GLY A 552 -3.77 -28.15 11.96
CA GLY A 552 -4.39 -29.49 11.84
C GLY A 552 -5.74 -29.44 11.17
N ASP A 553 -6.83 -29.57 11.94
CA ASP A 553 -8.23 -29.65 11.45
C ASP A 553 -8.64 -28.33 10.80
N ARG A 554 -8.40 -27.21 11.50
CA ARG A 554 -8.83 -25.84 11.09
C ARG A 554 -7.58 -24.98 10.90
N THR A 555 -7.32 -24.56 9.65
CA THR A 555 -6.15 -23.74 9.23
C THR A 555 -6.58 -22.75 8.14
N GLU A 556 -5.62 -22.03 7.55
CA GLU A 556 -5.83 -21.07 6.42
C GLU A 556 -5.49 -21.75 5.09
N ILE A 557 -5.81 -21.08 3.97
CA ILE A 557 -5.70 -21.61 2.59
C ILE A 557 -4.54 -20.90 1.87
N GLY A 558 -3.96 -21.55 0.86
CA GLY A 558 -2.79 -21.09 0.08
C GLY A 558 -2.99 -19.74 -0.59
N GLU A 559 -4.24 -19.33 -0.85
CA GLU A 559 -4.61 -17.99 -1.40
C GLU A 559 -3.98 -16.89 -0.55
N LYS A 560 -4.10 -16.99 0.78
CA LYS A 560 -3.47 -16.06 1.77
C LYS A 560 -3.22 -16.83 3.08
N GLY A 561 -2.22 -17.71 3.07
CA GLY A 561 -1.85 -18.56 4.22
C GLY A 561 -0.93 -19.70 3.81
N VAL A 562 -0.99 -20.83 4.54
CA VAL A 562 -0.16 -22.05 4.28
C VAL A 562 -0.60 -22.66 2.95
N ASN A 563 0.37 -23.00 2.09
CA ASN A 563 0.14 -23.45 0.68
C ASN A 563 -0.19 -24.94 0.67
N LEU A 564 -1.25 -25.33 -0.07
CA LEU A 564 -1.66 -26.73 -0.32
C LEU A 564 -1.24 -27.12 -1.74
N SER A 565 -0.80 -28.37 -1.93
CA SER A 565 -0.35 -28.93 -3.23
C SER A 565 -1.57 -29.23 -4.12
N GLY A 566 -1.33 -29.44 -5.42
CA GLY A 566 -2.36 -29.72 -6.45
C GLY A 566 -3.24 -30.90 -6.07
N GLY A 567 -2.65 -31.97 -5.52
CA GLY A 567 -3.34 -33.18 -5.06
C GLY A 567 -4.27 -32.90 -3.89
N GLN A 568 -3.81 -32.10 -2.92
CA GLN A 568 -4.55 -31.73 -1.68
C GLN A 568 -5.74 -30.81 -2.04
N LYS A 569 -5.55 -29.88 -2.97
CA LYS A 569 -6.60 -28.94 -3.45
C LYS A 569 -7.79 -29.74 -4.00
N GLN A 570 -7.53 -30.76 -4.83
CA GLN A 570 -8.53 -31.67 -5.43
C GLN A 570 -9.25 -32.47 -4.33
N ARG A 571 -8.53 -32.88 -3.28
CA ARG A 571 -9.02 -33.77 -2.20
C ARG A 571 -10.02 -33.03 -1.32
N VAL A 572 -9.79 -31.73 -1.06
CA VAL A 572 -10.72 -30.82 -0.34
C VAL A 572 -11.96 -30.60 -1.21
N SER A 573 -11.74 -30.16 -2.46
CA SER A 573 -12.77 -29.86 -3.49
C SER A 573 -13.70 -31.06 -3.70
N LEU A 574 -13.14 -32.28 -3.73
CA LEU A 574 -13.90 -33.56 -3.85
C LEU A 574 -14.78 -33.73 -2.60
N ALA A 575 -14.20 -33.57 -1.41
CA ALA A 575 -14.87 -33.72 -0.10
C ALA A 575 -16.03 -32.72 0.02
N ARG A 576 -15.81 -31.46 -0.38
CA ARG A 576 -16.82 -30.36 -0.35
C ARG A 576 -18.10 -30.79 -1.07
N ALA A 577 -17.96 -31.42 -2.25
CA ALA A 577 -19.09 -31.96 -3.05
C ALA A 577 -19.72 -33.16 -2.33
N VAL A 578 -18.89 -34.08 -1.80
CA VAL A 578 -19.35 -35.33 -1.13
C VAL A 578 -20.20 -34.98 0.08
N TYR A 579 -19.75 -34.02 0.90
CA TYR A 579 -20.42 -33.62 2.17
C TYR A 579 -21.81 -33.05 1.87
N CYS A 580 -21.92 -32.19 0.84
CA CYS A 580 -23.19 -31.52 0.41
C CYS A 580 -24.30 -32.57 0.22
N ASP A 581 -23.97 -33.72 -0.37
CA ASP A 581 -24.88 -34.89 -0.55
C ASP A 581 -26.07 -34.48 -1.43
N SER A 582 -25.78 -33.99 -2.65
CA SER A 582 -26.76 -33.69 -3.71
C SER A 582 -27.15 -34.99 -4.42
N ASP A 583 -28.19 -34.96 -5.26
CA ASP A 583 -28.73 -36.14 -5.99
C ASP A 583 -27.76 -36.52 -7.11
N VAL A 584 -27.55 -35.61 -8.08
CA VAL A 584 -26.66 -35.82 -9.26
C VAL A 584 -25.27 -35.28 -8.90
N TYR A 585 -24.21 -35.95 -9.38
CA TYR A 585 -22.78 -35.56 -9.22
C TYR A 585 -22.13 -35.46 -10.60
N LEU A 586 -21.39 -34.37 -10.84
CA LEU A 586 -20.63 -34.14 -12.11
C LEU A 586 -19.15 -33.93 -11.76
N LEU A 587 -18.35 -35.00 -11.88
CA LEU A 587 -16.92 -35.03 -11.47
C LEU A 587 -16.04 -34.74 -12.69
N ASP A 588 -15.48 -33.52 -12.76
CA ASP A 588 -14.64 -33.05 -13.89
C ASP A 588 -13.18 -33.38 -13.60
N ASP A 589 -12.85 -34.68 -13.63
CA ASP A 589 -11.50 -35.27 -13.44
C ASP A 589 -10.97 -34.90 -12.04
N PRO A 590 -11.46 -35.56 -10.97
CA PRO A 590 -10.86 -35.42 -9.64
C PRO A 590 -9.46 -36.04 -9.53
N LEU A 591 -9.18 -37.06 -10.36
CA LEU A 591 -7.94 -37.87 -10.31
C LEU A 591 -6.76 -37.04 -10.85
N SER A 592 -6.15 -36.23 -9.98
CA SER A 592 -4.86 -35.53 -10.18
C SER A 592 -4.02 -35.62 -8.90
N ALA A 593 -4.04 -36.81 -8.26
CA ALA A 593 -3.41 -37.10 -6.95
C ALA A 593 -1.94 -37.45 -7.14
N VAL A 594 -1.21 -37.63 -6.03
CA VAL A 594 0.26 -37.90 -6.01
C VAL A 594 0.53 -39.32 -6.54
N ASP A 595 -0.29 -40.31 -6.14
CA ASP A 595 -0.11 -41.75 -6.51
C ASP A 595 -1.46 -42.34 -6.94
N ALA A 596 -1.43 -43.45 -7.68
CA ALA A 596 -2.60 -44.28 -8.06
C ALA A 596 -3.14 -45.01 -6.82
N HIS A 597 -2.26 -45.35 -5.87
CA HIS A 597 -2.59 -45.99 -4.56
C HIS A 597 -3.54 -45.09 -3.76
N VAL A 598 -3.37 -43.77 -3.85
CA VAL A 598 -4.26 -42.75 -3.21
C VAL A 598 -5.61 -42.78 -3.91
N GLY A 599 -5.61 -42.74 -5.25
CA GLY A 599 -6.81 -42.80 -6.12
C GLY A 599 -7.62 -44.07 -5.91
N LYS A 600 -6.96 -45.21 -5.71
CA LYS A 600 -7.59 -46.53 -5.44
C LYS A 600 -8.46 -46.44 -4.17
N HIS A 601 -7.90 -45.86 -3.10
CA HIS A 601 -8.58 -45.68 -1.78
C HIS A 601 -9.79 -44.77 -1.91
N ILE A 602 -9.64 -43.64 -2.62
CA ILE A 602 -10.70 -42.59 -2.83
C ILE A 602 -11.82 -43.19 -3.69
N PHE A 603 -11.48 -43.67 -4.90
CA PHE A 603 -12.43 -44.22 -5.90
C PHE A 603 -13.32 -45.30 -5.27
N GLU A 604 -12.71 -46.30 -4.62
CA GLU A 604 -13.40 -47.49 -4.05
C GLU A 604 -14.32 -47.06 -2.88
N ASN A 605 -13.86 -46.13 -2.03
CA ASN A 605 -14.51 -45.78 -0.75
C ASN A 605 -15.55 -44.65 -0.95
N VAL A 606 -15.42 -43.83 -2.01
CA VAL A 606 -16.29 -42.65 -2.27
C VAL A 606 -17.11 -42.89 -3.55
N ILE A 607 -16.45 -42.99 -4.71
CA ILE A 607 -17.06 -42.81 -6.06
C ILE A 607 -17.66 -44.14 -6.56
N GLY A 608 -16.97 -45.26 -6.35
CA GLY A 608 -17.31 -46.59 -6.91
C GLY A 608 -18.60 -47.17 -6.32
N PRO A 609 -19.01 -48.39 -6.74
CA PRO A 609 -20.25 -49.00 -6.27
C PRO A 609 -20.21 -49.46 -4.81
N LYS A 610 -19.04 -49.81 -4.29
CA LYS A 610 -18.81 -50.23 -2.87
C LYS A 610 -18.68 -48.99 -1.96
N GLY A 611 -18.49 -47.80 -2.52
CA GLY A 611 -18.23 -46.55 -1.78
C GLY A 611 -19.50 -45.89 -1.25
N LEU A 612 -19.44 -44.58 -0.98
CA LEU A 612 -20.52 -43.79 -0.33
C LEU A 612 -21.70 -43.62 -1.28
N LEU A 613 -21.45 -43.22 -2.53
CA LEU A 613 -22.48 -42.81 -3.52
C LEU A 613 -22.97 -44.06 -4.28
N LYS A 614 -23.62 -44.99 -3.57
CA LYS A 614 -24.06 -46.31 -4.11
C LYS A 614 -25.26 -46.10 -5.04
N ASN A 615 -26.37 -45.58 -4.51
CA ASN A 615 -27.64 -45.33 -5.25
C ASN A 615 -27.76 -43.82 -5.50
N LYS A 616 -26.78 -43.25 -6.21
CA LYS A 616 -26.72 -41.81 -6.59
C LYS A 616 -26.09 -41.69 -7.99
N THR A 617 -26.69 -40.88 -8.86
CA THR A 617 -26.22 -40.59 -10.26
C THR A 617 -24.89 -39.87 -10.18
N ARG A 618 -23.86 -40.39 -10.84
CA ARG A 618 -22.45 -39.89 -10.77
C ARG A 618 -21.77 -40.04 -12.13
N LEU A 619 -21.91 -39.04 -13.00
CA LEU A 619 -21.23 -38.96 -14.32
C LEU A 619 -19.83 -38.38 -14.11
N LEU A 620 -18.81 -39.08 -14.61
CA LEU A 620 -17.37 -38.77 -14.40
C LEU A 620 -16.66 -38.69 -15.76
N VAL A 621 -15.62 -37.85 -15.85
CA VAL A 621 -14.71 -37.73 -17.02
C VAL A 621 -13.26 -37.82 -16.52
N THR A 622 -12.43 -38.68 -17.15
CA THR A 622 -11.06 -39.02 -16.67
C THR A 622 -10.15 -39.39 -17.85
N HIS A 623 -8.86 -39.10 -17.71
CA HIS A 623 -7.76 -39.49 -18.65
C HIS A 623 -7.31 -40.93 -18.35
N ALA A 624 -7.49 -41.40 -17.12
CA ALA A 624 -7.08 -42.75 -16.63
C ALA A 624 -7.86 -43.85 -17.36
N ILE A 625 -7.22 -45.01 -17.56
CA ILE A 625 -7.78 -46.19 -18.28
C ILE A 625 -7.93 -47.38 -17.31
N SER A 626 -7.68 -47.17 -16.02
CA SER A 626 -7.53 -48.24 -15.00
C SER A 626 -8.90 -48.68 -14.45
N TYR A 627 -9.79 -47.73 -14.16
CA TYR A 627 -11.06 -47.94 -13.40
C TYR A 627 -12.26 -48.14 -14.34
N LEU A 628 -12.03 -48.21 -15.66
CA LEU A 628 -13.08 -48.40 -16.70
C LEU A 628 -13.89 -49.67 -16.47
N PRO A 629 -13.28 -50.87 -16.26
CA PRO A 629 -14.05 -52.10 -16.07
C PRO A 629 -14.93 -52.18 -14.81
N GLN A 630 -14.84 -51.22 -13.88
CA GLN A 630 -15.72 -51.11 -12.67
C GLN A 630 -17.02 -50.38 -13.03
N MET A 631 -16.93 -49.31 -13.83
CA MET A 631 -18.06 -48.39 -14.17
C MET A 631 -19.11 -49.11 -15.03
N ASP A 632 -20.37 -48.66 -14.97
CA ASP A 632 -21.55 -49.32 -15.59
C ASP A 632 -21.51 -49.16 -17.11
N VAL A 633 -21.63 -47.91 -17.59
CA VAL A 633 -21.67 -47.56 -19.05
C VAL A 633 -20.59 -46.51 -19.35
N ILE A 634 -19.95 -46.62 -20.51
CA ILE A 634 -18.86 -45.71 -20.97
C ILE A 634 -19.31 -45.01 -22.26
N ILE A 635 -19.03 -43.71 -22.37
CA ILE A 635 -19.42 -42.81 -23.50
C ILE A 635 -18.14 -42.26 -24.14
N VAL A 636 -17.84 -42.67 -25.38
CA VAL A 636 -16.63 -42.26 -26.15
C VAL A 636 -17.00 -41.08 -27.05
N MET A 637 -16.17 -40.04 -27.08
CA MET A 637 -16.39 -38.80 -27.88
C MET A 637 -15.31 -38.67 -28.98
N SER A 638 -15.60 -37.88 -30.01
CA SER A 638 -14.76 -37.68 -31.22
C SER A 638 -14.92 -36.24 -31.75
N GLY A 639 -14.18 -35.30 -31.16
CA GLY A 639 -14.10 -33.89 -31.61
C GLY A 639 -15.40 -33.13 -31.42
N GLY A 640 -16.16 -33.45 -30.37
CA GLY A 640 -17.43 -32.80 -29.99
C GLY A 640 -18.66 -33.55 -30.50
N LYS A 641 -18.62 -34.89 -30.47
CA LYS A 641 -19.72 -35.79 -30.90
C LYS A 641 -19.51 -37.16 -30.26
N ILE A 642 -20.58 -37.75 -29.70
CA ILE A 642 -20.57 -39.10 -29.06
C ILE A 642 -20.38 -40.15 -30.16
N SER A 643 -19.20 -40.76 -30.25
CA SER A 643 -18.82 -41.76 -31.28
C SER A 643 -19.62 -43.06 -31.06
N GLU A 644 -19.58 -43.61 -29.84
CA GLU A 644 -20.34 -44.82 -29.46
C GLU A 644 -20.50 -44.91 -27.93
N MET A 645 -21.69 -45.34 -27.48
CA MET A 645 -22.03 -45.61 -26.05
C MET A 645 -22.19 -47.12 -25.86
N GLY A 646 -21.87 -47.63 -24.66
CA GLY A 646 -22.05 -49.05 -24.29
C GLY A 646 -21.26 -49.44 -23.06
N SER A 647 -21.61 -50.59 -22.46
CA SER A 647 -20.94 -51.18 -21.26
C SER A 647 -19.58 -51.76 -21.67
N TYR A 648 -18.63 -51.81 -20.73
CA TYR A 648 -17.21 -52.21 -20.92
C TYR A 648 -17.12 -53.53 -21.69
N GLN A 649 -17.96 -54.52 -21.34
CA GLN A 649 -17.92 -55.90 -21.90
C GLN A 649 -18.35 -55.88 -23.37
N GLU A 650 -19.55 -55.34 -23.66
CA GLU A 650 -20.17 -55.33 -25.02
C GLU A 650 -19.43 -54.35 -25.94
N LEU A 651 -18.98 -53.20 -25.41
CA LEU A 651 -18.36 -52.09 -26.21
C LEU A 651 -17.01 -52.53 -26.77
N LEU A 652 -16.27 -53.38 -26.05
CA LEU A 652 -14.98 -53.98 -26.53
C LEU A 652 -15.26 -55.03 -27.61
N ALA A 653 -16.32 -55.85 -27.43
CA ALA A 653 -16.72 -56.96 -28.33
C ALA A 653 -17.02 -56.44 -29.73
N ARG A 654 -17.61 -55.25 -29.86
CA ARG A 654 -17.94 -54.60 -31.17
C ARG A 654 -16.66 -54.22 -31.93
N ASP A 655 -15.57 -53.91 -31.22
CA ASP A 655 -14.26 -53.49 -31.79
C ASP A 655 -14.43 -52.15 -32.51
N GLY A 656 -15.04 -51.17 -31.84
CA GLY A 656 -15.31 -49.81 -32.37
C GLY A 656 -14.20 -48.83 -32.00
N ALA A 657 -14.57 -47.56 -31.78
CA ALA A 657 -13.67 -46.46 -31.37
C ALA A 657 -13.07 -46.73 -30.00
N PHE A 658 -13.82 -47.41 -29.11
CA PHE A 658 -13.41 -47.74 -27.72
C PHE A 658 -12.23 -48.72 -27.74
N ALA A 659 -12.25 -49.70 -28.66
CA ALA A 659 -11.16 -50.69 -28.85
C ALA A 659 -9.90 -49.98 -29.35
N GLU A 660 -10.05 -49.03 -30.28
CA GLU A 660 -8.95 -48.21 -30.86
C GLU A 660 -8.40 -47.24 -29.79
N PHE A 661 -9.27 -46.72 -28.92
CA PHE A 661 -8.92 -45.81 -27.80
C PHE A 661 -8.02 -46.55 -26.80
N LEU A 662 -8.40 -47.78 -26.43
CA LEU A 662 -7.62 -48.67 -25.52
C LEU A 662 -6.30 -49.06 -26.19
N ARG A 663 -6.34 -49.42 -27.48
CA ARG A 663 -5.15 -49.71 -28.34
C ARG A 663 -4.31 -48.44 -28.45
N LYS A 754 5.82 13.92 21.26
CA LYS A 754 7.10 13.96 22.04
C LYS A 754 8.03 15.02 21.43
N LEU A 755 8.33 16.09 22.19
CA LEU A 755 9.14 17.25 21.75
C LEU A 755 10.58 16.82 21.43
N SER A 756 11.08 15.75 22.10
CA SER A 756 12.41 15.12 21.84
C SER A 756 12.57 14.79 20.35
N VAL A 757 11.52 14.26 19.71
CA VAL A 757 11.56 13.76 18.29
C VAL A 757 11.63 14.95 17.34
N TYR A 758 10.93 16.05 17.65
CA TYR A 758 10.97 17.32 16.89
C TYR A 758 12.38 17.93 16.95
N TRP A 759 13.03 17.86 18.11
CA TRP A 759 14.41 18.35 18.34
C TRP A 759 15.42 17.49 17.57
N ASP A 760 15.17 16.18 17.46
CA ASP A 760 16.00 15.23 16.67
C ASP A 760 15.98 15.65 15.19
N TYR A 761 14.80 15.99 14.66
CA TYR A 761 14.61 16.48 13.27
C TYR A 761 15.27 17.86 13.09
N MET A 762 15.25 18.68 14.14
CA MET A 762 15.87 20.04 14.16
C MET A 762 17.39 19.91 13.99
N LYS A 763 18.01 18.94 14.70
CA LYS A 763 19.48 18.69 14.66
C LYS A 763 19.88 18.02 13.32
N ALA A 764 18.95 17.34 12.66
CA ALA A 764 19.16 16.63 11.37
C ALA A 764 19.33 17.64 10.22
N ILE A 765 18.39 18.60 10.11
CA ILE A 765 18.38 19.66 9.06
C ILE A 765 19.62 20.56 9.20
N GLY A 766 20.08 20.78 10.44
CA GLY A 766 21.20 21.67 10.79
C GLY A 766 20.70 22.94 11.46
N LEU A 767 21.43 23.42 12.47
CA LEU A 767 20.99 24.56 13.33
C LEU A 767 21.08 25.88 12.56
N PHE A 768 22.07 26.05 11.67
CA PHE A 768 22.28 27.27 10.86
C PHE A 768 21.10 27.44 9.87
N ILE A 769 20.69 26.36 9.20
CA ILE A 769 19.58 26.34 8.21
C ILE A 769 18.25 26.52 8.97
N SER A 770 18.13 25.93 10.16
CA SER A 770 16.92 25.97 11.04
C SER A 770 16.64 27.41 11.49
N PHE A 771 17.64 28.07 12.08
CA PHE A 771 17.56 29.45 12.64
C PHE A 771 17.31 30.46 11.51
N LEU A 772 17.97 30.29 10.36
CA LEU A 772 17.86 31.17 9.17
C LEU A 772 16.44 31.10 8.60
N SER A 773 15.79 29.94 8.65
CA SER A 773 14.41 29.71 8.12
C SER A 773 13.37 30.35 9.04
N ILE A 774 13.57 30.28 10.36
CA ILE A 774 12.65 30.86 11.39
C ILE A 774 12.75 32.39 11.36
N PHE A 775 13.96 32.94 11.16
CA PHE A 775 14.22 34.40 11.07
C PHE A 775 13.57 34.98 9.81
N LEU A 776 13.74 34.31 8.66
CA LEU A 776 13.16 34.72 7.34
C LEU A 776 11.62 34.57 7.36
N PHE A 777 11.10 33.64 8.16
CA PHE A 777 9.64 33.38 8.31
C PHE A 777 8.98 34.54 9.07
N LEU A 778 9.52 34.90 10.24
CA LEU A 778 9.02 36.00 11.11
C LEU A 778 9.18 37.35 10.40
N CYS A 779 10.22 37.49 9.57
CA CYS A 779 10.48 38.68 8.72
C CYS A 779 9.35 38.85 7.68
N ASN A 780 8.81 37.75 7.15
CA ASN A 780 7.70 37.75 6.17
C ASN A 780 6.40 38.22 6.85
N HIS A 781 5.99 37.53 7.92
CA HIS A 781 4.71 37.77 8.66
C HIS A 781 4.67 39.19 9.23
N VAL A 782 5.81 39.74 9.66
CA VAL A 782 5.94 41.15 10.13
C VAL A 782 5.76 42.08 8.93
N ALA A 783 6.52 41.87 7.86
CA ALA A 783 6.48 42.66 6.60
C ALA A 783 5.08 42.63 5.99
N SER A 784 4.31 41.55 6.22
CA SER A 784 2.88 41.40 5.80
C SER A 784 1.99 42.34 6.63
N LEU A 785 2.00 42.19 7.96
CA LEU A 785 1.11 42.94 8.89
C LEU A 785 1.33 44.45 8.76
N VAL A 786 2.58 44.89 8.51
CA VAL A 786 2.95 46.34 8.40
C VAL A 786 2.37 46.90 7.09
N SER A 787 2.42 46.13 6.00
CA SER A 787 1.91 46.55 4.66
C SER A 787 0.39 46.75 4.71
N ASN A 788 -0.33 45.84 5.38
CA ASN A 788 -1.82 45.92 5.57
C ASN A 788 -2.16 47.08 6.50
N TYR A 789 -1.32 47.37 7.50
CA TYR A 789 -1.49 48.53 8.42
C TYR A 789 -1.18 49.84 7.68
N TRP A 790 -0.25 49.83 6.72
CA TRP A 790 0.11 51.01 5.90
C TRP A 790 -1.03 51.37 4.96
N LEU A 791 -1.68 50.36 4.36
CA LEU A 791 -2.90 50.51 3.52
C LEU A 791 -3.99 51.24 4.31
N SER A 792 -4.17 50.88 5.59
CA SER A 792 -5.24 51.42 6.48
C SER A 792 -4.94 52.87 6.93
N LEU A 793 -3.71 53.37 6.73
CA LEU A 793 -3.35 54.80 6.95
C LEU A 793 -3.57 55.58 5.66
N TRP A 794 -3.20 55.00 4.52
CA TRP A 794 -3.38 55.56 3.16
C TRP A 794 -4.85 55.98 2.95
N THR A 795 -5.80 55.17 3.42
CA THR A 795 -7.26 55.44 3.32
C THR A 795 -7.59 56.72 4.11
N ASP A 796 -7.15 56.80 5.37
CA ASP A 796 -7.46 57.93 6.30
C ASP A 796 -6.56 59.13 5.96
N ASP A 797 -7.00 59.97 5.03
CA ASP A 797 -6.38 61.31 4.78
C ASP A 797 -7.39 62.21 4.06
N PRO A 798 -7.54 63.51 4.46
CA PRO A 798 -8.60 64.36 3.93
C PRO A 798 -8.49 64.66 2.43
N ILE A 799 -9.57 65.17 1.84
CA ILE A 799 -9.71 65.54 0.40
C ILE A 799 -9.66 67.08 0.31
N VAL A 800 -8.52 67.65 -0.04
CA VAL A 800 -8.24 69.12 0.03
C VAL A 800 -9.03 69.86 -1.07
N ASN A 801 -9.00 69.37 -2.31
CA ASN A 801 -9.68 69.97 -3.49
C ASN A 801 -9.99 68.87 -4.50
N GLY A 802 -10.85 67.93 -4.11
CA GLY A 802 -11.25 66.74 -4.91
C GLY A 802 -10.07 65.86 -5.29
N THR A 803 -9.01 65.90 -4.51
CA THR A 803 -7.74 65.13 -4.70
C THR A 803 -7.27 64.61 -3.34
N GLN A 804 -6.50 63.53 -3.31
CA GLN A 804 -6.13 62.81 -2.05
C GLN A 804 -4.73 63.24 -1.57
N GLU A 805 -4.31 64.47 -1.90
CA GLU A 805 -2.98 65.00 -1.49
C GLU A 805 -1.88 64.01 -1.89
N HIS A 806 -1.02 63.62 -0.94
CA HIS A 806 0.06 62.64 -1.22
C HIS A 806 -0.56 61.26 -1.50
N THR A 807 -0.35 60.74 -2.71
CA THR A 807 -0.87 59.38 -3.02
C THR A 807 0.23 58.51 -3.64
N GLN A 808 1.05 59.09 -4.58
CA GLN A 808 2.19 58.41 -5.26
C GLN A 808 3.27 58.05 -4.23
N VAL A 809 3.53 58.95 -3.26
CA VAL A 809 4.52 58.74 -2.16
C VAL A 809 4.11 57.50 -1.36
N ARG A 810 2.84 57.41 -0.97
CA ARG A 810 2.27 56.26 -0.21
C ARG A 810 2.25 55.01 -1.11
N LEU A 811 1.82 55.15 -2.37
CA LEU A 811 1.70 54.03 -3.34
C LEU A 811 3.06 53.32 -3.48
N SER A 812 4.15 54.09 -3.59
CA SER A 812 5.55 53.57 -3.68
C SER A 812 5.87 52.70 -2.47
N VAL A 813 5.82 53.30 -1.27
CA VAL A 813 6.12 52.66 0.05
C VAL A 813 5.30 51.36 0.16
N TYR A 814 4.03 51.37 -0.25
CA TYR A 814 3.13 50.19 -0.25
C TYR A 814 3.66 49.13 -1.23
N GLY A 815 4.14 49.55 -2.40
CA GLY A 815 4.79 48.69 -3.41
C GLY A 815 6.06 48.05 -2.88
N ALA A 816 6.90 48.84 -2.19
CA ALA A 816 8.22 48.45 -1.65
C ALA A 816 8.06 47.33 -0.62
N LEU A 817 7.20 47.52 0.38
CA LEU A 817 6.91 46.56 1.49
C LEU A 817 6.49 45.20 0.92
N GLY A 818 5.77 45.19 -0.20
CA GLY A 818 5.31 43.98 -0.91
C GLY A 818 6.46 43.20 -1.51
N ILE A 819 7.45 43.87 -2.09
CA ILE A 819 8.69 43.26 -2.64
C ILE A 819 9.47 42.68 -1.45
N SER A 820 9.64 43.47 -0.39
CA SER A 820 10.28 43.08 0.90
C SER A 820 9.57 41.85 1.50
N GLN A 821 8.25 41.76 1.36
CA GLN A 821 7.43 40.58 1.78
C GLN A 821 7.74 39.40 0.85
N GLY A 822 7.52 39.57 -0.46
CA GLY A 822 7.66 38.52 -1.50
C GLY A 822 9.03 37.87 -1.50
N ILE A 823 10.10 38.65 -1.38
CA ILE A 823 11.53 38.17 -1.33
C ILE A 823 11.69 37.19 -0.16
N THR A 824 11.18 37.53 1.02
CA THR A 824 11.34 36.70 2.25
C THR A 824 10.44 35.46 2.19
N VAL A 825 9.36 35.47 1.39
CA VAL A 825 8.49 34.27 1.18
C VAL A 825 9.28 33.22 0.40
N PHE A 826 9.95 33.63 -0.69
CA PHE A 826 10.84 32.77 -1.51
C PHE A 826 12.04 32.30 -0.67
N GLY A 827 12.52 33.16 0.24
CA GLY A 827 13.61 32.86 1.19
C GLY A 827 13.33 31.61 2.02
N TYR A 828 12.37 31.68 2.94
CA TYR A 828 12.08 30.60 3.92
C TYR A 828 11.53 29.37 3.19
N SER A 829 10.87 29.55 2.05
CA SER A 829 10.37 28.46 1.17
C SER A 829 11.54 27.63 0.64
N MET A 830 12.59 28.31 0.12
CA MET A 830 13.83 27.66 -0.39
C MET A 830 14.64 27.11 0.79
N ALA A 831 14.83 27.90 1.85
CA ALA A 831 15.61 27.54 3.06
C ALA A 831 15.09 26.23 3.66
N VAL A 832 13.77 26.10 3.82
CA VAL A 832 13.09 24.92 4.42
C VAL A 832 13.24 23.72 3.46
N SER A 833 12.99 23.91 2.16
CA SER A 833 13.05 22.84 1.13
C SER A 833 14.48 22.31 0.99
N ILE A 834 15.49 23.19 1.02
CA ILE A 834 16.94 22.80 1.04
C ILE A 834 17.22 22.00 2.31
N GLY A 835 16.75 22.48 3.47
CA GLY A 835 16.91 21.82 4.78
C GLY A 835 16.40 20.39 4.76
N GLY A 836 15.25 20.14 4.11
CA GLY A 836 14.60 18.82 3.99
C GLY A 836 15.47 17.80 3.28
N ILE A 837 16.33 18.25 2.35
CA ILE A 837 17.26 17.39 1.57
C ILE A 837 18.48 17.03 2.44
N PHE A 838 18.93 17.95 3.31
CA PHE A 838 20.06 17.74 4.26
C PHE A 838 19.69 16.68 5.30
N ALA A 839 18.48 16.74 5.87
CA ALA A 839 17.93 15.76 6.84
C ALA A 839 17.78 14.40 6.16
N SER A 840 17.15 14.39 4.98
CA SER A 840 16.94 13.20 4.11
C SER A 840 18.26 12.47 3.86
N ARG A 841 19.32 13.20 3.53
CA ARG A 841 20.69 12.67 3.28
C ARG A 841 21.29 12.12 4.58
N ARG A 842 21.21 12.89 5.67
CA ARG A 842 21.80 12.58 6.99
C ARG A 842 21.16 11.30 7.55
N LEU A 843 19.82 11.26 7.60
CA LEU A 843 19.04 10.17 8.25
C LEU A 843 19.18 8.85 7.48
N HIS A 844 19.33 8.89 6.15
CA HIS A 844 19.57 7.70 5.28
C HIS A 844 20.98 7.15 5.55
N LEU A 845 22.00 8.00 5.52
CA LEU A 845 23.42 7.64 5.75
C LEU A 845 23.60 7.14 7.19
N ASP A 846 22.89 7.75 8.15
CA ASP A 846 22.91 7.38 9.59
C ASP A 846 22.33 5.98 9.76
N LEU A 847 21.14 5.74 9.19
CA LEU A 847 20.38 4.46 9.26
C LEU A 847 21.20 3.35 8.59
N LEU A 848 21.73 3.59 7.39
CA LEU A 848 22.45 2.59 6.56
C LEU A 848 23.73 2.13 7.26
N HIS A 849 24.39 3.03 8.01
CA HIS A 849 25.59 2.71 8.83
C HIS A 849 25.18 1.87 10.04
N ASN A 850 24.10 2.25 10.72
CA ASN A 850 23.58 1.57 11.94
C ASN A 850 23.26 0.09 11.63
N VAL A 851 22.57 -0.18 10.52
CA VAL A 851 22.15 -1.54 10.08
C VAL A 851 23.40 -2.41 9.87
N LEU A 852 24.40 -1.92 9.15
CA LEU A 852 25.60 -2.70 8.73
C LEU A 852 26.55 -2.94 9.90
N ARG A 853 26.55 -2.07 10.93
CA ARG A 853 27.38 -2.24 12.16
C ARG A 853 26.72 -3.25 13.12
N SER A 854 25.47 -3.66 12.88
CA SER A 854 24.73 -4.65 13.71
C SER A 854 25.32 -6.04 13.53
N PRO A 855 25.19 -6.95 14.52
CA PRO A 855 25.56 -8.37 14.35
C PRO A 855 24.44 -9.14 13.63
N ILE A 856 24.72 -10.37 13.19
CA ILE A 856 23.78 -11.22 12.40
C ILE A 856 22.59 -11.65 13.30
N SER A 857 22.79 -11.71 14.62
CA SER A 857 21.73 -11.98 15.63
C SER A 857 20.54 -11.02 15.44
N PHE A 858 20.81 -9.74 15.19
CA PHE A 858 19.82 -8.68 14.90
C PHE A 858 18.95 -9.07 13.70
N PHE A 859 19.59 -9.53 12.62
CA PHE A 859 18.94 -9.87 11.31
C PHE A 859 18.14 -11.18 11.43
N GLU A 860 18.41 -12.01 12.45
CA GLU A 860 17.65 -13.24 12.77
C GLU A 860 16.42 -12.89 13.62
N ARG A 861 16.61 -12.10 14.69
CA ARG A 861 15.50 -11.73 15.64
C ARG A 861 14.54 -10.76 14.95
N THR A 862 15.05 -9.77 14.21
CA THR A 862 14.22 -8.75 13.50
C THR A 862 13.64 -9.36 12.23
N PRO A 863 12.31 -9.29 11.97
CA PRO A 863 11.75 -9.67 10.68
C PRO A 863 12.29 -8.84 9.51
N SER A 864 12.56 -9.49 8.36
CA SER A 864 13.07 -8.87 7.11
C SER A 864 12.07 -7.83 6.59
N GLY A 865 10.77 -8.14 6.64
CA GLY A 865 9.65 -7.26 6.24
C GLY A 865 9.61 -5.97 7.04
N ASN A 866 10.03 -6.00 8.31
CA ASN A 866 10.07 -4.82 9.21
C ASN A 866 11.17 -3.85 8.77
N LEU A 867 12.33 -4.37 8.38
CA LEU A 867 13.50 -3.58 7.90
C LEU A 867 13.22 -2.98 6.51
N VAL A 868 12.65 -3.77 5.58
CA VAL A 868 12.35 -3.35 4.18
C VAL A 868 11.30 -2.22 4.20
N ASN A 869 10.29 -2.33 5.08
CA ASN A 869 9.20 -1.32 5.27
C ASN A 869 9.80 0.02 5.71
N ARG A 870 10.89 -0.01 6.48
CA ARG A 870 11.58 1.18 7.05
C ARG A 870 12.15 2.04 5.91
N PHE A 871 13.04 1.45 5.10
CA PHE A 871 13.71 2.11 3.93
C PHE A 871 12.67 2.57 2.90
N SER A 872 11.59 1.80 2.71
CA SER A 872 10.51 2.08 1.74
C SER A 872 9.63 3.24 2.24
N LYS A 873 8.89 3.02 3.32
CA LYS A 873 7.81 3.91 3.81
C LYS A 873 8.39 5.14 4.50
N GLU A 874 9.25 4.96 5.50
CA GLU A 874 9.60 6.01 6.50
C GLU A 874 10.52 7.07 5.90
N LEU A 875 11.47 6.68 5.02
CA LEU A 875 12.35 7.65 4.30
C LEU A 875 11.51 8.52 3.37
N ASP A 876 10.61 7.91 2.61
CA ASP A 876 9.69 8.59 1.65
C ASP A 876 8.90 9.70 2.38
N THR A 877 8.51 9.46 3.63
CA THR A 877 7.79 10.42 4.52
C THR A 877 8.69 11.63 4.82
N VAL A 878 9.94 11.38 5.23
CA VAL A 878 10.97 12.41 5.55
C VAL A 878 11.34 13.19 4.28
N ASP A 879 11.41 12.52 3.12
CA ASP A 879 11.84 13.11 1.82
C ASP A 879 10.80 14.11 1.33
N SER A 880 9.54 13.67 1.19
CA SER A 880 8.45 14.41 0.50
C SER A 880 7.53 15.12 1.50
N MET A 881 6.95 14.38 2.44
CA MET A 881 5.76 14.80 3.25
C MET A 881 6.16 15.87 4.28
N ILE A 882 7.15 15.60 5.13
CA ILE A 882 7.46 16.41 6.35
C ILE A 882 7.86 17.84 5.96
N PRO A 883 8.78 18.07 4.99
CA PRO A 883 9.20 19.43 4.63
C PRO A 883 8.05 20.32 4.12
N GLN A 884 7.11 19.74 3.35
CA GLN A 884 5.92 20.43 2.81
C GLN A 884 4.94 20.76 3.94
N VAL A 885 4.78 19.86 4.92
CA VAL A 885 3.79 19.98 6.05
C VAL A 885 4.25 21.08 7.01
N ILE A 886 5.52 21.13 7.40
CA ILE A 886 6.03 22.04 8.49
C ILE A 886 5.86 23.51 8.08
N LYS A 887 5.91 23.83 6.78
CA LYS A 887 5.74 25.21 6.26
C LYS A 887 4.23 25.54 6.16
N MET A 888 3.38 24.55 5.86
CA MET A 888 1.90 24.70 5.84
C MET A 888 1.35 24.84 7.26
N PHE A 889 1.94 24.13 8.24
CA PHE A 889 1.55 24.18 9.67
C PHE A 889 1.91 25.53 10.26
N MET A 890 3.19 25.93 10.14
CA MET A 890 3.74 27.20 10.68
C MET A 890 3.04 28.37 9.98
N GLY A 891 2.91 28.31 8.65
CA GLY A 891 2.17 29.29 7.83
C GLY A 891 0.79 29.57 8.40
N SER A 892 0.04 28.51 8.71
CA SER A 892 -1.33 28.56 9.26
C SER A 892 -1.32 29.17 10.67
N LEU A 893 -0.44 28.66 11.55
CA LEU A 893 -0.36 29.04 12.99
C LEU A 893 -0.11 30.53 13.15
N PHE A 894 0.75 31.13 12.32
CA PHE A 894 1.18 32.54 12.43
C PHE A 894 0.23 33.47 11.66
N ASN A 895 -0.57 32.94 10.73
CA ASN A 895 -1.70 33.68 10.09
C ASN A 895 -2.83 33.87 11.11
N VAL A 896 -3.09 32.87 11.96
CA VAL A 896 -4.08 32.93 13.08
C VAL A 896 -3.60 33.94 14.12
N ILE A 897 -2.34 33.84 14.56
CA ILE A 897 -1.70 34.77 15.52
C ILE A 897 -1.70 36.18 14.90
N GLY A 898 -1.31 36.28 13.63
CA GLY A 898 -1.26 37.55 12.87
C GLY A 898 -2.59 38.28 12.87
N ALA A 899 -3.70 37.55 12.67
CA ALA A 899 -5.09 38.09 12.63
C ALA A 899 -5.48 38.63 14.01
N CYS A 900 -5.14 37.91 15.08
CA CYS A 900 -5.42 38.30 16.50
C CYS A 900 -4.69 39.60 16.86
N ILE A 901 -3.43 39.74 16.44
CA ILE A 901 -2.56 40.92 16.73
C ILE A 901 -3.21 42.19 16.16
N ILE A 902 -3.81 42.11 14.97
CA ILE A 902 -4.49 43.26 14.29
C ILE A 902 -5.76 43.63 15.07
N ILE A 903 -6.55 42.63 15.48
CA ILE A 903 -7.80 42.80 16.26
C ILE A 903 -7.47 43.49 17.59
N LEU A 904 -6.39 43.05 18.26
CA LEU A 904 -5.91 43.66 19.54
C LEU A 904 -5.31 45.06 19.27
N LEU A 905 -4.61 45.24 18.14
CA LEU A 905 -4.02 46.55 17.73
C LEU A 905 -5.13 47.56 17.44
N ALA A 906 -6.27 47.10 16.91
CA ALA A 906 -7.47 47.93 16.61
C ALA A 906 -8.26 48.19 17.91
N THR A 907 -8.60 47.14 18.64
CA THR A 907 -9.46 47.19 19.86
C THR A 907 -8.76 46.48 21.01
N PRO A 908 -8.24 47.21 22.04
CA PRO A 908 -7.53 46.58 23.15
C PRO A 908 -8.45 45.75 24.06
N MET A 909 -9.75 46.07 24.10
CA MET A 909 -10.80 45.31 24.84
C MET A 909 -10.95 43.90 24.27
N ALA A 910 -10.44 43.62 23.05
CA ALA A 910 -10.47 42.29 22.40
C ALA A 910 -9.83 41.21 23.29
N ALA A 911 -8.86 41.58 24.14
CA ALA A 911 -8.12 40.67 25.04
C ALA A 911 -9.07 39.70 25.77
N VAL A 912 -10.15 40.22 26.36
CA VAL A 912 -11.06 39.46 27.28
C VAL A 912 -11.68 38.25 26.55
N ILE A 913 -11.93 38.34 25.24
CA ILE A 913 -12.61 37.26 24.45
C ILE A 913 -11.59 36.28 23.85
N ILE A 914 -10.27 36.47 24.04
CA ILE A 914 -9.22 35.59 23.44
C ILE A 914 -9.07 34.30 24.25
N PRO A 915 -8.92 34.32 25.60
CA PRO A 915 -8.86 33.08 26.38
C PRO A 915 -10.09 32.18 26.31
N PRO A 916 -11.34 32.69 26.42
CA PRO A 916 -12.54 31.86 26.26
C PRO A 916 -12.62 31.06 24.94
N LEU A 917 -12.42 31.72 23.80
CA LEU A 917 -12.51 31.12 22.44
C LEU A 917 -11.33 30.17 22.21
N GLY A 918 -10.12 30.54 22.66
CA GLY A 918 -8.90 29.71 22.58
C GLY A 918 -9.07 28.39 23.31
N LEU A 919 -9.66 28.43 24.50
CA LEU A 919 -9.97 27.25 25.36
C LEU A 919 -10.97 26.33 24.64
N ILE A 920 -11.99 26.90 24.00
CA ILE A 920 -13.00 26.13 23.18
C ILE A 920 -12.26 25.46 22.01
N TYR A 921 -11.49 26.23 21.23
CA TYR A 921 -10.73 25.75 20.05
C TYR A 921 -9.84 24.56 20.44
N PHE A 922 -9.17 24.64 21.59
CA PHE A 922 -8.26 23.61 22.14
C PHE A 922 -9.03 22.29 22.36
N PHE A 923 -10.20 22.36 23.01
CA PHE A 923 -11.03 21.18 23.40
C PHE A 923 -11.66 20.53 22.17
N VAL A 924 -12.19 21.30 21.21
CA VAL A 924 -12.82 20.76 19.96
C VAL A 924 -11.73 20.11 19.10
N GLN A 925 -10.53 20.71 19.05
CA GLN A 925 -9.34 20.14 18.36
C GLN A 925 -8.90 18.87 19.09
N ARG A 926 -8.88 18.89 20.43
CA ARG A 926 -8.39 17.77 21.29
C ARG A 926 -9.17 16.48 20.95
N PHE A 927 -10.51 16.56 20.91
CA PHE A 927 -11.39 15.39 20.67
C PHE A 927 -11.32 14.95 19.21
N TYR A 928 -11.35 15.90 18.27
CA TYR A 928 -11.35 15.60 16.81
C TYR A 928 -10.09 14.83 16.41
N VAL A 929 -8.91 15.42 16.63
CA VAL A 929 -7.58 14.86 16.23
C VAL A 929 -7.45 13.42 16.74
N ALA A 930 -7.89 13.15 17.97
CA ALA A 930 -7.86 11.82 18.62
C ALA A 930 -8.82 10.86 17.90
N SER A 931 -10.11 11.20 17.89
CA SER A 931 -11.24 10.32 17.46
C SER A 931 -11.20 10.07 15.95
N SER A 932 -10.92 11.10 15.15
CA SER A 932 -10.96 11.09 13.66
C SER A 932 -10.00 10.04 13.09
N ARG A 933 -8.76 9.99 13.59
CA ARG A 933 -7.69 9.07 13.12
C ARG A 933 -8.12 7.61 13.35
N GLN A 934 -8.82 7.32 14.45
CA GLN A 934 -9.35 5.97 14.77
C GLN A 934 -10.38 5.54 13.71
N LEU A 935 -11.29 6.45 13.35
CA LEU A 935 -12.43 6.19 12.40
C LEU A 935 -11.90 5.99 10.97
N LYS A 936 -10.90 6.78 10.54
CA LYS A 936 -10.26 6.67 9.20
C LYS A 936 -9.49 5.34 9.11
N ARG A 937 -8.82 4.93 10.19
CA ARG A 937 -8.09 3.64 10.30
C ARG A 937 -9.09 2.48 10.15
N LEU A 938 -10.19 2.51 10.91
CA LEU A 938 -11.28 1.49 10.86
C LEU A 938 -11.87 1.39 9.45
N GLU A 939 -11.98 2.51 8.73
CA GLU A 939 -12.56 2.58 7.36
C GLU A 939 -11.61 1.90 6.37
N SER A 940 -10.31 2.20 6.45
CA SER A 940 -9.26 1.72 5.52
C SER A 940 -9.04 0.20 5.64
N VAL A 941 -9.20 -0.37 6.84
CA VAL A 941 -9.02 -1.83 7.11
C VAL A 941 -10.31 -2.61 6.80
N SER A 942 -11.47 -1.93 6.78
CA SER A 942 -12.81 -2.53 6.54
C SER A 942 -13.20 -2.49 5.07
N ARG A 943 -12.42 -1.81 4.20
CA ARG A 943 -12.70 -1.73 2.74
C ARG A 943 -11.96 -2.85 1.99
N SER A 944 -10.86 -3.39 2.56
CA SER A 944 -10.01 -4.43 1.94
C SER A 944 -10.73 -5.78 1.83
N PRO A 945 -11.56 -6.22 2.82
CA PRO A 945 -12.32 -7.47 2.68
C PRO A 945 -13.38 -7.50 1.58
N VAL A 946 -13.89 -6.33 1.15
CA VAL A 946 -14.93 -6.19 0.09
C VAL A 946 -14.35 -6.60 -1.26
N TYR A 947 -13.11 -6.15 -1.57
CA TYR A 947 -12.39 -6.45 -2.83
C TYR A 947 -11.83 -7.88 -2.79
N SER A 948 -11.33 -8.31 -1.63
CA SER A 948 -10.81 -9.67 -1.35
C SER A 948 -11.90 -10.71 -1.59
N HIS A 949 -13.15 -10.40 -1.20
CA HIS A 949 -14.33 -11.30 -1.32
C HIS A 949 -14.77 -11.38 -2.79
N PHE A 950 -14.87 -10.24 -3.47
CA PHE A 950 -15.36 -10.14 -4.87
C PHE A 950 -14.40 -10.88 -5.82
N ASN A 951 -13.09 -10.79 -5.55
CA ASN A 951 -12.02 -11.50 -6.32
C ASN A 951 -12.20 -13.01 -6.20
N GLU A 952 -12.54 -13.52 -5.01
CA GLU A 952 -12.78 -14.96 -4.75
C GLU A 952 -14.05 -15.41 -5.48
N THR A 953 -15.13 -14.62 -5.41
CA THR A 953 -16.43 -14.88 -6.08
C THR A 953 -16.20 -15.06 -7.58
N LEU A 954 -15.46 -14.12 -8.21
CA LEU A 954 -15.20 -14.08 -9.67
C LEU A 954 -14.46 -15.36 -10.12
N LEU A 955 -13.60 -15.94 -9.27
CA LEU A 955 -12.83 -17.18 -9.59
C LEU A 955 -13.76 -18.40 -9.56
N GLY A 956 -14.64 -18.48 -8.54
CA GLY A 956 -15.48 -19.67 -8.29
C GLY A 956 -16.92 -19.50 -8.75
N VAL A 957 -17.15 -18.76 -9.84
CA VAL A 957 -18.51 -18.46 -10.39
C VAL A 957 -19.21 -19.79 -10.73
N SER A 958 -18.52 -20.68 -11.44
CA SER A 958 -19.02 -22.01 -11.88
C SER A 958 -19.52 -22.82 -10.67
N VAL A 959 -18.79 -22.80 -9.55
CA VAL A 959 -19.07 -23.59 -8.33
C VAL A 959 -20.32 -23.01 -7.64
N ILE A 960 -20.36 -21.68 -7.45
CA ILE A 960 -21.44 -20.96 -6.71
C ILE A 960 -22.79 -21.19 -7.41
N ARG A 961 -22.80 -21.24 -8.75
CA ARG A 961 -24.01 -21.45 -9.58
C ARG A 961 -24.34 -22.95 -9.69
N ALA A 962 -23.35 -23.84 -9.58
CA ALA A 962 -23.52 -25.31 -9.62
C ALA A 962 -24.32 -25.75 -8.38
N PHE A 963 -23.83 -25.40 -7.19
CA PHE A 963 -24.47 -25.67 -5.88
C PHE A 963 -25.69 -24.75 -5.68
N GLU A 964 -25.78 -23.65 -6.44
CA GLU A 964 -26.90 -22.68 -6.47
C GLU A 964 -27.00 -21.99 -5.10
N GLU A 965 -25.89 -21.37 -4.67
CA GLU A 965 -25.78 -20.68 -3.35
C GLU A 965 -25.51 -19.18 -3.57
N GLN A 966 -26.08 -18.57 -4.62
CA GLN A 966 -25.91 -17.14 -4.94
C GLN A 966 -26.42 -16.31 -3.76
N GLU A 967 -27.68 -16.52 -3.37
CA GLU A 967 -28.39 -15.83 -2.26
C GLU A 967 -27.48 -15.74 -1.04
N ARG A 968 -26.76 -16.81 -0.69
CA ARG A 968 -25.82 -16.88 0.45
C ARG A 968 -24.70 -15.85 0.24
N PHE A 969 -24.02 -15.91 -0.91
CA PHE A 969 -22.86 -15.06 -1.27
C PHE A 969 -23.29 -13.60 -1.50
N ILE A 970 -24.57 -13.35 -1.81
CA ILE A 970 -25.14 -11.96 -1.90
C ILE A 970 -25.13 -11.36 -0.50
N ARG A 971 -25.79 -12.04 0.45
CA ARG A 971 -25.84 -11.63 1.89
C ARG A 971 -24.42 -11.50 2.45
N GLN A 972 -23.52 -12.40 2.03
CA GLN A 972 -22.07 -12.40 2.41
C GLN A 972 -21.42 -11.08 1.98
N SER A 973 -21.75 -10.59 0.78
CA SER A 973 -21.19 -9.35 0.17
C SER A 973 -21.89 -8.12 0.76
N ASP A 974 -23.21 -8.16 0.94
CA ASP A 974 -24.02 -7.08 1.56
C ASP A 974 -23.53 -6.80 2.98
N LEU A 975 -23.22 -7.86 3.75
CA LEU A 975 -22.69 -7.78 5.14
C LEU A 975 -21.35 -7.03 5.15
N LYS A 976 -20.44 -7.35 4.22
CA LYS A 976 -19.07 -6.80 4.17
C LYS A 976 -19.09 -5.34 3.74
N VAL A 977 -19.95 -4.97 2.78
CA VAL A 977 -20.13 -3.58 2.30
C VAL A 977 -20.68 -2.73 3.46
N ASP A 978 -21.69 -3.23 4.18
CA ASP A 978 -22.31 -2.57 5.35
C ASP A 978 -21.22 -2.29 6.41
N GLU A 979 -20.39 -3.29 6.72
CA GLU A 979 -19.29 -3.18 7.73
C GLU A 979 -18.29 -2.09 7.34
N ASN A 980 -18.14 -1.81 6.03
CA ASN A 980 -17.29 -0.72 5.49
C ASN A 980 -17.99 0.64 5.71
N GLN A 981 -19.29 0.73 5.44
CA GLN A 981 -20.10 1.98 5.60
C GLN A 981 -20.25 2.33 7.08
N LYS A 982 -20.40 1.32 7.96
CA LYS A 982 -20.47 1.47 9.45
C LYS A 982 -19.24 2.24 9.96
N ALA A 983 -18.09 2.08 9.31
CA ALA A 983 -16.82 2.77 9.63
C ALA A 983 -16.79 4.15 8.95
N TYR A 984 -17.25 4.24 7.70
CA TYR A 984 -17.17 5.45 6.85
C TYR A 984 -18.16 6.53 7.31
N TYR A 985 -19.34 6.16 7.82
CA TYR A 985 -20.43 7.13 8.13
C TYR A 985 -20.05 8.02 9.30
N PRO A 986 -19.54 7.50 10.46
CA PRO A 986 -19.00 8.36 11.51
C PRO A 986 -17.86 9.25 10.99
N SER A 987 -16.97 8.70 10.16
CA SER A 987 -15.78 9.38 9.58
C SER A 987 -16.19 10.70 8.93
N ILE A 988 -17.26 10.68 8.13
CA ILE A 988 -17.74 11.89 7.36
C ILE A 988 -18.48 12.85 8.31
N VAL A 989 -19.23 12.32 9.28
CA VAL A 989 -20.00 13.15 10.26
C VAL A 989 -19.01 13.88 11.17
N ALA A 990 -17.91 13.22 11.55
CA ALA A 990 -16.80 13.81 12.35
C ALA A 990 -16.33 15.12 11.71
N ASN A 991 -16.22 15.16 10.38
CA ASN A 991 -15.79 16.37 9.61
C ASN A 991 -16.85 17.47 9.73
N ARG A 992 -18.13 17.12 9.59
CA ARG A 992 -19.28 18.06 9.73
C ARG A 992 -19.32 18.61 11.16
N TRP A 993 -19.06 17.76 12.16
CA TRP A 993 -19.06 18.14 13.60
C TRP A 993 -18.03 19.25 13.83
N LEU A 994 -16.76 18.98 13.50
CA LEU A 994 -15.61 19.91 13.66
C LEU A 994 -15.90 21.24 12.95
N ALA A 995 -16.33 21.18 11.69
CA ALA A 995 -16.55 22.33 10.78
C ALA A 995 -17.56 23.31 11.40
N VAL A 996 -18.63 22.81 12.02
CA VAL A 996 -19.69 23.65 12.67
C VAL A 996 -19.10 24.32 13.92
N ARG A 997 -18.30 23.59 14.71
CA ARG A 997 -17.63 24.13 15.94
C ARG A 997 -16.60 25.19 15.56
N LEU A 998 -15.71 24.91 14.59
CA LEU A 998 -14.62 25.82 14.17
C LEU A 998 -15.20 27.11 13.59
N GLU A 999 -16.14 27.00 12.63
CA GLU A 999 -16.78 28.16 11.95
C GLU A 999 -17.58 29.00 12.95
N CYS A 1000 -18.11 28.36 14.00
CA CYS A 1000 -18.84 29.04 15.12
C CYS A 1000 -17.86 29.87 15.96
N VAL A 1001 -16.63 29.39 16.17
CA VAL A 1001 -15.53 30.15 16.85
C VAL A 1001 -15.01 31.23 15.89
N GLY A 1002 -14.98 30.94 14.58
CA GLY A 1002 -14.69 31.92 13.52
C GLY A 1002 -15.68 33.07 13.54
N ASN A 1003 -16.98 32.78 13.61
CA ASN A 1003 -18.08 33.79 13.61
C ASN A 1003 -18.09 34.58 14.93
N CYS A 1004 -17.56 34.02 16.02
CA CYS A 1004 -17.43 34.71 17.33
C CYS A 1004 -16.32 35.77 17.25
N ILE A 1005 -15.23 35.50 16.53
CA ILE A 1005 -14.08 36.43 16.36
C ILE A 1005 -14.51 37.64 15.53
N VAL A 1006 -15.25 37.43 14.42
CA VAL A 1006 -15.75 38.52 13.54
C VAL A 1006 -16.84 39.32 14.27
N LEU A 1007 -17.62 38.69 15.15
CA LEU A 1007 -18.68 39.34 15.98
C LEU A 1007 -18.04 40.34 16.94
N PHE A 1008 -17.16 39.87 17.83
CA PHE A 1008 -16.53 40.67 18.91
C PHE A 1008 -15.68 41.79 18.31
N ALA A 1009 -14.90 41.49 17.27
CA ALA A 1009 -14.03 42.46 16.55
C ALA A 1009 -14.88 43.64 16.06
N SER A 1010 -15.95 43.36 15.31
CA SER A 1010 -16.87 44.37 14.71
C SER A 1010 -17.65 45.09 15.82
N LEU A 1011 -17.98 44.40 16.91
CA LEU A 1011 -18.77 44.96 18.05
C LEU A 1011 -17.94 46.00 18.81
N PHE A 1012 -16.70 45.69 19.18
CA PHE A 1012 -15.82 46.57 20.00
C PHE A 1012 -15.50 47.85 19.23
N ALA A 1013 -15.46 47.80 17.88
CA ALA A 1013 -15.29 48.97 17.00
C ALA A 1013 -16.43 49.97 17.22
N VAL A 1014 -17.67 49.47 17.31
CA VAL A 1014 -18.91 50.28 17.53
C VAL A 1014 -18.91 50.84 18.96
N ILE A 1015 -18.38 50.10 19.93
CA ILE A 1015 -18.26 50.51 21.36
C ILE A 1015 -17.25 51.66 21.49
N SER A 1016 -16.23 51.70 20.62
CA SER A 1016 -15.17 52.76 20.59
C SER A 1016 -15.11 53.38 19.19
N ARG A 1017 -16.24 53.97 18.73
CA ARG A 1017 -16.33 54.73 17.45
C ARG A 1017 -15.46 55.99 17.51
N HIS A 1018 -15.70 56.83 18.53
CA HIS A 1018 -15.16 58.22 18.65
C HIS A 1018 -13.63 58.21 18.78
N SER A 1019 -13.03 57.09 19.18
CA SER A 1019 -11.55 56.89 19.27
C SER A 1019 -10.96 56.56 17.88
N LEU A 1020 -11.49 55.52 17.23
CA LEU A 1020 -10.89 54.92 16.01
C LEU A 1020 -11.18 55.77 14.77
N SER A 1021 -10.52 55.43 13.66
CA SER A 1021 -10.74 55.97 12.29
C SER A 1021 -11.33 54.88 11.40
N ALA A 1022 -11.88 55.26 10.24
CA ALA A 1022 -12.61 54.38 9.30
C ALA A 1022 -11.68 53.28 8.75
N GLY A 1023 -10.39 53.56 8.59
CA GLY A 1023 -9.39 52.65 8.00
C GLY A 1023 -9.09 51.47 8.91
N LEU A 1024 -8.88 51.72 10.20
CA LEU A 1024 -8.52 50.68 11.21
C LEU A 1024 -9.66 49.67 11.36
N VAL A 1025 -10.92 50.13 11.33
CA VAL A 1025 -12.13 49.27 11.47
C VAL A 1025 -12.25 48.37 10.24
N GLY A 1026 -12.04 48.91 9.04
CA GLY A 1026 -12.00 48.14 7.78
C GLY A 1026 -11.01 47.00 7.89
N LEU A 1027 -9.75 47.32 8.20
CA LEU A 1027 -8.61 46.37 8.30
C LEU A 1027 -8.89 45.30 9.36
N SER A 1028 -9.39 45.70 10.54
CA SER A 1028 -9.66 44.85 11.71
C SER A 1028 -10.70 43.78 11.36
N VAL A 1029 -11.84 44.21 10.79
CA VAL A 1029 -12.99 43.34 10.45
C VAL A 1029 -12.63 42.46 9.25
N SER A 1030 -11.97 43.02 8.22
CA SER A 1030 -11.57 42.29 6.97
C SER A 1030 -10.63 41.14 7.29
N TYR A 1031 -9.75 41.29 8.29
CA TYR A 1031 -8.81 40.22 8.77
C TYR A 1031 -9.62 39.14 9.49
N SER A 1032 -10.37 39.53 10.52
CA SER A 1032 -11.22 38.64 11.36
C SER A 1032 -12.13 37.76 10.49
N LEU A 1033 -12.59 38.31 9.36
CA LEU A 1033 -13.49 37.63 8.38
C LEU A 1033 -12.76 36.48 7.66
N GLN A 1034 -11.42 36.44 7.69
CA GLN A 1034 -10.59 35.37 7.04
C GLN A 1034 -10.12 34.32 8.06
N VAL A 1035 -10.38 34.51 9.37
CA VAL A 1035 -9.83 33.63 10.46
C VAL A 1035 -10.33 32.19 10.25
N THR A 1036 -11.61 32.02 9.96
CA THR A 1036 -12.32 30.70 9.86
C THR A 1036 -11.51 29.71 9.01
N THR A 1037 -10.94 30.17 7.90
CA THR A 1037 -10.21 29.31 6.90
C THR A 1037 -8.91 28.78 7.51
N TYR A 1038 -8.18 29.62 8.25
CA TYR A 1038 -6.85 29.28 8.83
C TYR A 1038 -7.00 28.23 9.94
N LEU A 1039 -8.07 28.32 10.74
CA LEU A 1039 -8.39 27.39 11.84
C LEU A 1039 -8.56 25.96 11.30
N ASN A 1040 -9.14 25.80 10.10
CA ASN A 1040 -9.30 24.49 9.42
C ASN A 1040 -7.92 23.89 9.12
N TRP A 1041 -7.04 24.66 8.50
CA TRP A 1041 -5.64 24.26 8.16
C TRP A 1041 -4.85 23.97 9.44
N LEU A 1042 -4.99 24.81 10.47
CA LEU A 1042 -4.25 24.68 11.75
C LEU A 1042 -4.60 23.34 12.42
N VAL A 1043 -5.87 22.91 12.37
CA VAL A 1043 -6.35 21.63 12.98
C VAL A 1043 -5.89 20.45 12.11
N ARG A 1044 -6.01 20.56 10.78
CA ARG A 1044 -5.59 19.50 9.82
C ARG A 1044 -4.08 19.27 9.98
N MET A 1045 -3.28 20.31 9.73
CA MET A 1045 -1.79 20.23 9.69
C MET A 1045 -1.22 19.93 11.08
N SER A 1046 -1.98 20.14 12.16
CA SER A 1046 -1.66 19.63 13.52
C SER A 1046 -1.73 18.09 13.52
N SER A 1047 -2.79 17.53 12.95
CA SER A 1047 -3.05 16.06 12.88
C SER A 1047 -2.05 15.39 11.92
N GLU A 1048 -1.79 16.02 10.76
CA GLU A 1048 -0.83 15.55 9.72
C GLU A 1048 0.59 15.52 10.30
N MET A 1049 0.94 16.50 11.14
CA MET A 1049 2.28 16.62 11.80
C MET A 1049 2.49 15.45 12.76
N GLU A 1050 1.51 15.19 13.63
CA GLU A 1050 1.60 14.20 14.74
C GLU A 1050 1.77 12.78 14.20
N THR A 1051 1.24 12.48 13.00
CA THR A 1051 1.37 11.17 12.32
C THR A 1051 2.73 11.03 11.62
N ASN A 1052 3.21 12.09 10.97
CA ASN A 1052 4.42 12.09 10.10
C ASN A 1052 5.70 12.09 10.95
N ILE A 1053 5.71 12.76 12.10
CA ILE A 1053 6.91 12.91 12.98
C ILE A 1053 7.24 11.57 13.65
N VAL A 1054 6.27 10.65 13.77
CA VAL A 1054 6.47 9.26 14.29
C VAL A 1054 7.53 8.55 13.44
N ALA A 1055 7.50 8.75 12.11
CA ALA A 1055 8.41 8.14 11.12
C ALA A 1055 9.87 8.58 11.34
N VAL A 1056 10.09 9.78 11.87
CA VAL A 1056 11.46 10.36 12.12
C VAL A 1056 12.15 9.55 13.23
N GLU A 1057 11.44 9.28 14.33
CA GLU A 1057 11.96 8.53 15.50
C GLU A 1057 12.28 7.08 15.09
N ARG A 1058 11.49 6.50 14.20
CA ARG A 1058 11.60 5.07 13.78
C ARG A 1058 12.75 4.88 12.79
N LEU A 1059 13.27 5.96 12.18
CA LEU A 1059 14.51 5.93 11.35
C LEU A 1059 15.76 5.96 12.25
N LYS A 1060 15.62 6.42 13.50
CA LYS A 1060 16.70 6.41 14.54
C LYS A 1060 16.49 5.25 15.52
N GLU A 1061 15.64 4.26 15.17
CA GLU A 1061 15.26 3.12 16.05
C GLU A 1061 16.51 2.31 16.43
N TYR A 1062 17.37 2.00 15.46
CA TYR A 1062 18.54 1.09 15.61
C TYR A 1062 19.83 1.88 15.87
N SER A 1063 19.72 3.04 16.54
CA SER A 1063 20.87 3.94 16.86
C SER A 1063 21.58 3.45 18.13
N GLU A 1064 20.82 2.99 19.13
CA GLU A 1064 21.31 2.63 20.49
C GLU A 1064 21.34 1.10 20.68
N THR A 1065 21.01 0.32 19.65
CA THR A 1065 20.99 -1.18 19.70
C THR A 1065 22.44 -1.71 19.80
N GLU A 1066 22.58 -3.01 20.08
CA GLU A 1066 23.89 -3.68 20.32
C GLU A 1066 24.65 -3.75 18.99
N LYS A 1067 25.83 -3.12 18.93
CA LYS A 1067 26.73 -3.07 17.74
C LYS A 1067 27.89 -4.05 17.97
N GLU A 1068 28.37 -4.69 16.89
CA GLU A 1068 29.50 -5.65 16.93
C GLU A 1068 30.82 -4.89 17.14
N ALA A 1069 31.94 -5.61 17.26
CA ALA A 1069 33.29 -5.07 17.60
C ALA A 1069 33.75 -4.07 16.52
N PRO A 1070 34.75 -3.20 16.82
CA PRO A 1070 35.27 -2.27 15.81
C PRO A 1070 35.83 -2.96 14.56
N TRP A 1071 35.44 -2.49 13.37
CA TRP A 1071 35.79 -3.08 12.05
C TRP A 1071 37.31 -3.09 11.85
N GLN A 1072 38.01 -2.01 12.22
CA GLN A 1072 39.50 -1.98 12.32
C GLN A 1072 39.91 -1.04 13.45
N ILE A 1073 40.77 -1.52 14.35
CA ILE A 1073 41.43 -0.71 15.43
C ILE A 1073 42.65 -0.02 14.82
N GLN A 1074 43.34 -0.69 13.88
CA GLN A 1074 44.54 -0.23 13.11
C GLN A 1074 45.57 0.39 14.07
N ASP A 1075 45.74 -0.21 15.25
CA ASP A 1075 46.77 0.14 16.27
C ASP A 1075 47.68 -1.08 16.46
N MET A 1076 47.08 -2.23 16.82
CA MET A 1076 47.71 -3.58 16.79
C MET A 1076 47.29 -4.28 15.50
N ALA A 1077 47.61 -3.67 14.35
CA ALA A 1077 47.25 -4.14 13.00
C ALA A 1077 48.11 -5.36 12.64
N PRO A 1078 47.51 -6.46 12.09
CA PRO A 1078 48.30 -7.59 11.62
C PRO A 1078 49.26 -7.24 10.47
N PRO A 1079 50.55 -7.63 10.55
CA PRO A 1079 51.48 -7.50 9.42
C PRO A 1079 51.31 -8.68 8.44
N LYS A 1080 52.28 -8.88 7.53
CA LYS A 1080 52.30 -10.01 6.55
C LYS A 1080 53.07 -11.20 7.16
N ASP A 1081 52.66 -11.65 8.35
CA ASP A 1081 53.22 -12.83 9.08
C ASP A 1081 52.23 -14.00 9.04
N TRP A 1082 50.92 -13.74 8.96
CA TRP A 1082 49.82 -14.74 9.03
C TRP A 1082 50.01 -15.84 7.98
N PRO A 1083 50.29 -15.51 6.69
CA PRO A 1083 50.45 -16.53 5.66
C PRO A 1083 51.77 -17.33 5.68
N GLN A 1084 52.74 -16.97 6.52
CA GLN A 1084 54.11 -17.57 6.55
C GLN A 1084 54.04 -19.05 6.91
N VAL A 1085 53.18 -19.43 7.86
CA VAL A 1085 52.95 -20.84 8.30
C VAL A 1085 51.44 -21.15 8.19
N GLY A 1086 50.62 -20.47 8.99
CA GLY A 1086 49.16 -20.69 9.08
C GLY A 1086 48.77 -21.66 10.19
N ARG A 1087 49.37 -21.50 11.38
CA ARG A 1087 49.05 -22.29 12.59
C ARG A 1087 47.66 -21.89 13.10
N VAL A 1088 46.84 -22.87 13.50
CA VAL A 1088 45.49 -22.66 14.11
C VAL A 1088 45.42 -23.50 15.40
N GLU A 1089 44.97 -22.90 16.51
CA GLU A 1089 44.86 -23.55 17.84
C GLU A 1089 43.60 -23.06 18.54
N PHE A 1090 42.77 -24.00 19.01
CA PHE A 1090 41.62 -23.73 19.94
C PHE A 1090 42.04 -24.09 21.36
N ARG A 1091 41.77 -23.20 22.32
CA ARG A 1091 42.18 -23.34 23.76
C ARG A 1091 40.92 -23.35 24.62
N ASP A 1092 40.34 -24.54 24.84
CA ASP A 1092 39.17 -24.81 25.72
C ASP A 1092 37.97 -23.97 25.24
N TYR A 1093 37.77 -23.90 23.93
CA TYR A 1093 36.81 -23.00 23.23
C TYR A 1093 35.38 -23.52 23.44
N GLY A 1094 34.39 -22.62 23.42
CA GLY A 1094 32.95 -22.94 23.57
C GLY A 1094 32.05 -21.77 23.19
N LEU A 1095 30.92 -22.07 22.53
CA LEU A 1095 29.95 -21.08 21.99
C LEU A 1095 28.51 -21.45 22.38
N ARG A 1096 27.63 -20.44 22.40
CA ARG A 1096 26.15 -20.56 22.50
C ARG A 1096 25.53 -20.00 21.22
N TYR A 1097 24.35 -20.50 20.82
CA TYR A 1097 23.57 -20.02 19.66
C TYR A 1097 22.83 -18.73 20.06
N ARG A 1098 21.98 -18.83 21.10
CA ARG A 1098 21.27 -17.69 21.73
C ARG A 1098 22.08 -17.21 22.93
N GLU A 1099 21.87 -15.97 23.38
CA GLU A 1099 22.59 -15.31 24.51
C GLU A 1099 22.40 -16.14 25.79
N ASP A 1100 21.15 -16.43 26.15
CA ASP A 1100 20.77 -17.25 27.34
C ASP A 1100 20.27 -18.62 26.86
N LEU A 1101 21.17 -19.61 26.82
CA LEU A 1101 20.89 -20.99 26.30
C LEU A 1101 22.02 -21.94 26.74
N ASP A 1102 21.78 -23.25 26.63
CA ASP A 1102 22.80 -24.32 26.82
C ASP A 1102 23.90 -24.19 25.74
N LEU A 1103 25.13 -24.57 26.09
CA LEU A 1103 26.34 -24.44 25.23
C LEU A 1103 26.23 -25.37 24.02
N VAL A 1104 26.53 -24.86 22.81
CA VAL A 1104 26.49 -25.62 21.52
C VAL A 1104 27.81 -26.38 21.37
N LEU A 1105 28.94 -25.67 21.49
CA LEU A 1105 30.31 -26.24 21.53
C LEU A 1105 30.89 -26.06 22.94
N LYS A 1106 31.73 -27.00 23.39
CA LYS A 1106 32.30 -27.01 24.77
C LYS A 1106 33.54 -27.90 24.81
N HIS A 1107 34.61 -27.42 25.47
CA HIS A 1107 35.88 -28.16 25.72
C HIS A 1107 36.62 -28.42 24.40
N ILE A 1108 36.49 -27.53 23.42
CA ILE A 1108 37.09 -27.65 22.06
C ILE A 1108 38.58 -27.31 22.15
N ASN A 1109 39.44 -28.33 22.27
CA ASN A 1109 40.91 -28.21 22.39
C ASN A 1109 41.58 -29.07 21.30
N VAL A 1110 42.24 -28.43 20.33
CA VAL A 1110 42.97 -29.10 19.21
C VAL A 1110 43.96 -28.11 18.57
N THR A 1111 45.10 -28.61 18.10
CA THR A 1111 46.19 -27.84 17.43
C THR A 1111 46.35 -28.34 15.98
N ILE A 1112 46.33 -27.42 15.01
CA ILE A 1112 46.41 -27.67 13.54
C ILE A 1112 47.68 -26.99 13.00
N ASP A 1113 48.60 -27.77 12.42
CA ASP A 1113 49.87 -27.26 11.84
C ASP A 1113 49.59 -26.64 10.46
N GLY A 1114 50.50 -25.78 9.99
CA GLY A 1114 50.40 -25.09 8.68
C GLY A 1114 50.57 -26.06 7.52
N GLY A 1115 49.63 -26.05 6.57
CA GLY A 1115 49.64 -26.90 5.37
C GLY A 1115 48.83 -28.19 5.52
N GLU A 1116 48.35 -28.49 6.74
CA GLU A 1116 47.55 -29.71 7.03
C GLU A 1116 46.13 -29.54 6.48
N LYS A 1117 45.59 -30.60 5.87
CA LYS A 1117 44.19 -30.68 5.36
C LYS A 1117 43.34 -31.41 6.41
N VAL A 1118 42.53 -30.66 7.18
CA VAL A 1118 41.76 -31.19 8.35
C VAL A 1118 40.29 -31.33 7.97
N GLY A 1119 39.67 -32.47 8.31
CA GLY A 1119 38.25 -32.78 8.07
C GLY A 1119 37.44 -32.70 9.35
N ILE A 1120 36.22 -32.16 9.27
CA ILE A 1120 35.25 -32.03 10.41
C ILE A 1120 33.93 -32.67 9.97
N VAL A 1121 33.50 -33.73 10.68
CA VAL A 1121 32.29 -34.54 10.36
C VAL A 1121 31.54 -34.88 11.66
N GLY A 1122 30.22 -35.06 11.58
CA GLY A 1122 29.35 -35.42 12.71
C GLY A 1122 27.92 -35.72 12.27
N ARG A 1123 27.04 -35.97 13.24
CA ARG A 1123 25.58 -36.22 13.02
C ARG A 1123 24.85 -34.88 12.95
N THR A 1124 23.56 -34.91 12.57
CA THR A 1124 22.69 -33.71 12.42
C THR A 1124 22.41 -33.09 13.80
N GLY A 1125 22.50 -31.77 13.91
CA GLY A 1125 22.27 -31.01 15.15
C GLY A 1125 23.37 -31.25 16.18
N ALA A 1126 24.63 -31.34 15.74
CA ALA A 1126 25.83 -31.54 16.59
C ALA A 1126 26.44 -30.19 16.97
N GLY A 1127 26.52 -29.25 16.01
CA GLY A 1127 27.08 -27.90 16.19
C GLY A 1127 28.36 -27.67 15.40
N LYS A 1128 28.72 -28.57 14.47
CA LYS A 1128 29.91 -28.46 13.59
C LYS A 1128 29.82 -27.19 12.74
N SER A 1129 28.60 -26.81 12.31
CA SER A 1129 28.29 -25.57 11.55
C SER A 1129 28.73 -24.33 12.34
N SER A 1130 28.51 -24.33 13.66
CA SER A 1130 28.78 -23.19 14.58
C SER A 1130 30.27 -22.87 14.64
N LEU A 1131 31.15 -23.86 14.41
CA LEU A 1131 32.63 -23.68 14.47
C LEU A 1131 33.11 -22.76 13.35
N THR A 1132 32.39 -22.71 12.22
CA THR A 1132 32.67 -21.79 11.08
C THR A 1132 32.29 -20.36 11.45
N LEU A 1133 31.21 -20.18 12.23
CA LEU A 1133 30.73 -18.85 12.71
C LEU A 1133 31.72 -18.30 13.74
N GLY A 1134 32.31 -19.18 14.56
CA GLY A 1134 33.31 -18.84 15.60
C GLY A 1134 34.64 -18.41 15.00
N LEU A 1135 35.10 -19.09 13.94
CA LEU A 1135 36.41 -18.83 13.28
C LEU A 1135 36.40 -17.43 12.63
N PHE A 1136 35.24 -16.98 12.13
CA PHE A 1136 35.05 -15.67 11.44
C PHE A 1136 34.46 -14.63 12.41
N ARG A 1137 34.25 -14.99 13.68
CA ARG A 1137 33.82 -14.07 14.77
C ARG A 1137 32.48 -13.40 14.43
N ILE A 1138 31.52 -14.17 13.92
CA ILE A 1138 30.10 -13.73 13.75
C ILE A 1138 29.50 -13.57 15.15
N LYS A 1139 29.58 -14.64 15.95
CA LYS A 1139 29.26 -14.64 17.41
C LYS A 1139 30.59 -14.60 18.18
N GLU A 1140 30.73 -13.68 19.13
CA GLU A 1140 31.95 -13.51 19.96
C GLU A 1140 32.07 -14.72 20.90
N SER A 1141 33.30 -15.18 21.15
CA SER A 1141 33.62 -16.42 21.92
C SER A 1141 32.98 -16.35 23.31
N ALA A 1142 31.99 -17.24 23.58
CA ALA A 1142 31.19 -17.29 24.82
C ALA A 1142 32.10 -17.61 26.01
N GLU A 1143 33.07 -18.50 25.83
CA GLU A 1143 34.12 -18.84 26.83
C GLU A 1143 35.32 -19.46 26.13
N GLY A 1144 36.54 -19.15 26.60
CA GLY A 1144 37.81 -19.71 26.10
C GLY A 1144 38.57 -18.73 25.23
N GLU A 1145 39.37 -19.26 24.29
CA GLU A 1145 40.26 -18.47 23.39
C GLU A 1145 40.43 -19.19 22.05
N ILE A 1146 40.75 -18.44 20.98
CA ILE A 1146 41.02 -18.96 19.60
C ILE A 1146 42.20 -18.19 19.00
N ILE A 1147 43.26 -18.91 18.60
CA ILE A 1147 44.58 -18.34 18.16
C ILE A 1147 44.80 -18.71 16.70
N ILE A 1148 45.39 -17.79 15.91
CA ILE A 1148 45.85 -18.02 14.50
C ILE A 1148 47.25 -17.42 14.34
N ASP A 1149 48.27 -18.27 14.22
CA ASP A 1149 49.68 -17.92 13.93
C ASP A 1149 50.27 -17.12 15.12
N ASP A 1150 50.08 -17.63 16.34
CA ASP A 1150 50.63 -17.07 17.61
C ASP A 1150 50.10 -15.65 17.86
N ILE A 1151 48.94 -15.30 17.29
CA ILE A 1151 48.36 -13.92 17.29
C ILE A 1151 46.85 -14.04 17.52
N ASN A 1152 46.40 -13.70 18.73
CA ASN A 1152 44.98 -13.86 19.20
C ASN A 1152 44.07 -12.93 18.38
N ILE A 1153 43.00 -13.48 17.81
CA ILE A 1153 42.08 -12.77 16.86
C ILE A 1153 40.94 -12.06 17.62
N ALA A 1154 40.67 -12.47 18.87
CA ALA A 1154 39.56 -11.94 19.72
C ALA A 1154 39.75 -10.43 19.97
N LYS A 1155 40.99 -9.96 20.07
CA LYS A 1155 41.34 -8.54 20.36
C LYS A 1155 41.39 -7.72 19.06
N ILE A 1156 41.91 -8.32 17.97
CA ILE A 1156 42.20 -7.63 16.66
C ILE A 1156 40.89 -7.29 15.95
N GLY A 1157 40.89 -6.21 15.16
CA GLY A 1157 39.74 -5.71 14.37
C GLY A 1157 39.18 -6.77 13.43
N LEU A 1158 37.88 -6.69 13.13
CA LEU A 1158 37.10 -7.74 12.41
C LEU A 1158 37.55 -7.81 10.95
N HIS A 1159 37.58 -6.67 10.24
CA HIS A 1159 37.86 -6.59 8.78
C HIS A 1159 39.31 -7.02 8.48
N ASP A 1160 40.24 -6.85 9.43
CA ASP A 1160 41.65 -7.30 9.29
C ASP A 1160 41.71 -8.84 9.36
N LEU A 1161 40.86 -9.47 10.18
CA LEU A 1161 40.70 -10.96 10.24
C LEU A 1161 39.95 -11.44 8.98
N ARG A 1162 38.80 -10.83 8.67
CA ARG A 1162 37.83 -11.29 7.64
C ARG A 1162 38.50 -11.41 6.26
N PHE A 1163 39.43 -10.52 5.92
CA PHE A 1163 40.14 -10.52 4.61
C PHE A 1163 41.18 -11.65 4.57
N LYS A 1164 41.95 -11.82 5.66
CA LYS A 1164 43.14 -12.71 5.72
C LYS A 1164 42.75 -14.19 5.60
N ILE A 1165 41.49 -14.57 5.90
CA ILE A 1165 40.96 -15.95 5.73
C ILE A 1165 39.74 -15.91 4.79
N THR A 1166 39.54 -16.96 3.99
CA THR A 1166 38.44 -17.07 2.98
C THR A 1166 37.52 -18.25 3.32
N ILE A 1167 36.30 -18.22 2.79
CA ILE A 1167 35.19 -19.18 3.08
C ILE A 1167 34.44 -19.49 1.78
N ILE A 1168 34.03 -20.75 1.60
CA ILE A 1168 33.10 -21.19 0.51
C ILE A 1168 31.77 -21.56 1.18
N PRO A 1169 30.73 -20.69 1.11
CA PRO A 1169 29.41 -21.00 1.68
C PRO A 1169 28.69 -22.21 1.07
N GLN A 1170 27.46 -22.47 1.53
CA GLN A 1170 26.59 -23.60 1.11
C GLN A 1170 25.94 -23.26 -0.23
N ASP A 1171 25.24 -22.11 -0.30
CA ASP A 1171 24.54 -21.60 -1.50
C ASP A 1171 25.09 -20.21 -1.83
N PRO A 1172 26.20 -20.09 -2.59
CA PRO A 1172 26.80 -18.80 -2.90
C PRO A 1172 25.87 -17.93 -3.76
N VAL A 1173 25.21 -16.95 -3.14
CA VAL A 1173 24.27 -16.00 -3.82
C VAL A 1173 25.10 -14.97 -4.60
N LEU A 1174 24.60 -14.55 -5.77
CA LEU A 1174 25.21 -13.53 -6.65
C LEU A 1174 24.36 -12.25 -6.58
N PHE A 1175 24.99 -11.11 -6.30
CA PHE A 1175 24.35 -9.77 -6.22
C PHE A 1175 24.20 -9.20 -7.63
N SER A 1176 23.03 -8.62 -7.93
CA SER A 1176 22.62 -8.12 -9.27
C SER A 1176 23.58 -7.02 -9.73
N GLY A 1177 24.09 -7.14 -10.97
CA GLY A 1177 25.07 -6.22 -11.58
C GLY A 1177 26.12 -6.96 -12.37
N SER A 1178 27.30 -6.35 -12.54
CA SER A 1178 28.43 -6.87 -13.37
C SER A 1178 28.99 -8.16 -12.74
N LEU A 1179 29.47 -9.08 -13.58
CA LEU A 1179 30.20 -10.31 -13.17
C LEU A 1179 31.65 -9.93 -12.81
N ARG A 1180 32.18 -8.87 -13.43
CA ARG A 1180 33.48 -8.24 -13.07
C ARG A 1180 33.41 -7.69 -11.63
N MET A 1181 32.29 -7.05 -11.28
CA MET A 1181 31.98 -6.52 -9.92
C MET A 1181 31.79 -7.68 -8.94
N ASN A 1182 31.08 -8.74 -9.37
CA ASN A 1182 30.70 -9.92 -8.54
C ASN A 1182 31.97 -10.65 -8.03
N LEU A 1183 33.04 -10.68 -8.84
CA LEU A 1183 34.33 -11.33 -8.48
C LEU A 1183 35.17 -10.40 -7.58
N ASP A 1184 35.26 -9.12 -7.94
CA ASP A 1184 36.05 -8.09 -7.19
C ASP A 1184 35.28 -6.77 -7.21
N PRO A 1185 34.49 -6.44 -6.16
CA PRO A 1185 33.68 -5.22 -6.13
C PRO A 1185 34.51 -3.94 -5.91
N PHE A 1186 35.70 -4.07 -5.33
CA PHE A 1186 36.68 -2.97 -5.11
C PHE A 1186 37.42 -2.67 -6.42
N SER A 1187 37.68 -3.71 -7.23
CA SER A 1187 38.43 -3.64 -8.51
C SER A 1187 39.85 -3.10 -8.25
N GLN A 1188 40.64 -3.83 -7.46
CA GLN A 1188 41.99 -3.41 -6.98
C GLN A 1188 43.06 -3.95 -7.94
N TYR A 1189 43.11 -5.28 -8.11
CA TYR A 1189 44.14 -6.00 -8.90
C TYR A 1189 43.74 -6.02 -10.38
N SER A 1190 44.66 -6.48 -11.25
CA SER A 1190 44.60 -6.39 -12.73
C SER A 1190 43.47 -7.28 -13.30
N ASP A 1191 43.23 -7.19 -14.61
CA ASP A 1191 42.18 -7.93 -15.35
C ASP A 1191 42.70 -9.30 -15.80
N GLU A 1192 44.00 -9.40 -16.14
CA GLU A 1192 44.68 -10.68 -16.47
C GLU A 1192 44.60 -11.65 -15.27
N GLU A 1193 44.69 -11.11 -14.06
CA GLU A 1193 44.58 -11.86 -12.77
C GLU A 1193 43.17 -12.48 -12.66
N VAL A 1194 42.14 -11.76 -13.11
CA VAL A 1194 40.72 -12.22 -13.12
C VAL A 1194 40.56 -13.33 -14.18
N TRP A 1195 41.28 -13.25 -15.30
CA TRP A 1195 41.25 -14.26 -16.40
C TRP A 1195 41.99 -15.53 -15.97
N THR A 1196 43.21 -15.39 -15.45
CA THR A 1196 44.07 -16.53 -15.00
C THR A 1196 43.43 -17.26 -13.80
N SER A 1197 42.58 -16.58 -13.02
CA SER A 1197 41.80 -17.18 -11.90
C SER A 1197 40.66 -18.05 -12.44
N LEU A 1198 39.93 -17.56 -13.45
CA LEU A 1198 38.82 -18.29 -14.13
C LEU A 1198 39.37 -19.43 -15.00
N GLU A 1199 40.60 -19.30 -15.48
CA GLU A 1199 41.33 -20.35 -16.27
C GLU A 1199 41.65 -21.55 -15.37
N LEU A 1200 42.20 -21.30 -14.18
CA LEU A 1200 42.57 -22.33 -13.16
C LEU A 1200 41.30 -22.99 -12.61
N ALA A 1201 40.22 -22.22 -12.43
CA ALA A 1201 38.90 -22.67 -11.90
C ALA A 1201 38.20 -23.60 -12.87
N HIS A 1202 38.57 -23.56 -14.17
CA HIS A 1202 37.96 -24.35 -15.28
C HIS A 1202 36.51 -23.88 -15.48
N LEU A 1203 36.28 -22.57 -15.40
CA LEU A 1203 35.03 -21.88 -15.84
C LEU A 1203 35.35 -21.02 -17.07
N LYS A 1204 36.42 -21.37 -17.80
CA LYS A 1204 36.91 -20.66 -19.01
C LYS A 1204 35.83 -20.70 -20.09
N GLY A 1205 35.23 -21.88 -20.31
CA GLY A 1205 34.18 -22.13 -21.32
C GLY A 1205 33.00 -21.20 -21.20
N PHE A 1206 32.54 -20.93 -19.97
CA PHE A 1206 31.43 -19.98 -19.67
C PHE A 1206 31.98 -18.56 -19.74
N VAL A 1207 31.18 -17.62 -20.27
CA VAL A 1207 31.53 -16.19 -20.55
C VAL A 1207 32.94 -16.10 -21.16
N SER A 1208 33.23 -16.93 -22.15
CA SER A 1208 34.53 -16.99 -22.88
C SER A 1208 34.53 -15.95 -24.00
N ALA A 1209 33.63 -16.12 -24.97
CA ALA A 1209 33.51 -15.30 -26.21
C ALA A 1209 32.07 -14.79 -26.37
N LEU A 1210 31.35 -14.57 -25.26
CA LEU A 1210 30.04 -13.86 -25.25
C LEU A 1210 30.31 -12.37 -25.33
N PRO A 1211 29.43 -11.57 -26.00
CA PRO A 1211 29.63 -10.13 -26.11
C PRO A 1211 29.72 -9.47 -24.72
N ASP A 1212 29.03 -10.06 -23.74
CA ASP A 1212 29.22 -9.82 -22.29
C ASP A 1212 30.30 -10.77 -21.76
N LYS A 1213 31.58 -10.46 -22.01
CA LYS A 1213 32.75 -11.24 -21.51
C LYS A 1213 32.87 -11.07 -19.99
N LEU A 1214 33.24 -9.87 -19.52
CA LEU A 1214 33.52 -9.58 -18.08
C LEU A 1214 32.33 -8.86 -17.43
N ASN A 1215 31.61 -8.02 -18.17
CA ASN A 1215 30.52 -7.15 -17.67
C ASN A 1215 29.15 -7.75 -18.03
N HIS A 1216 28.93 -9.02 -17.68
CA HIS A 1216 27.63 -9.73 -17.86
C HIS A 1216 26.70 -9.35 -16.71
N GLU A 1217 25.52 -8.81 -17.04
CA GLU A 1217 24.51 -8.32 -16.05
C GLU A 1217 23.81 -9.52 -15.42
N CYS A 1218 24.25 -9.92 -14.22
CA CYS A 1218 23.58 -10.93 -13.35
C CYS A 1218 22.39 -10.28 -12.63
N ALA A 1219 21.42 -11.07 -12.20
CA ALA A 1219 20.20 -10.59 -11.50
C ALA A 1219 19.47 -11.75 -10.81
N GLU A 1220 18.60 -11.41 -9.84
CA GLU A 1220 17.61 -12.32 -9.19
C GLU A 1220 18.33 -13.45 -8.44
N GLY A 1221 19.39 -13.12 -7.70
CA GLY A 1221 20.19 -14.07 -6.90
C GLY A 1221 20.92 -15.10 -7.75
N GLY A 1222 21.41 -14.69 -8.93
CA GLY A 1222 22.13 -15.56 -9.89
C GLY A 1222 21.21 -16.60 -10.51
N GLU A 1223 20.11 -16.15 -11.11
CA GLU A 1223 19.09 -17.01 -11.78
C GLU A 1223 19.58 -17.37 -13.19
N ASN A 1224 20.27 -16.45 -13.85
CA ASN A 1224 20.84 -16.60 -15.23
C ASN A 1224 21.75 -17.84 -15.29
N LEU A 1225 22.66 -17.97 -14.33
CA LEU A 1225 23.64 -19.09 -14.23
C LEU A 1225 23.03 -20.24 -13.42
N SER A 1226 23.44 -21.48 -13.72
CA SER A 1226 22.92 -22.73 -13.11
C SER A 1226 23.59 -22.98 -11.75
N VAL A 1227 23.20 -24.07 -11.08
CA VAL A 1227 23.61 -24.43 -9.68
C VAL A 1227 25.13 -24.62 -9.63
N GLY A 1228 25.67 -25.45 -10.52
CA GLY A 1228 27.11 -25.82 -10.57
C GLY A 1228 28.02 -24.62 -10.79
N GLN A 1229 27.58 -23.63 -11.57
CA GLN A 1229 28.36 -22.41 -11.92
C GLN A 1229 28.65 -21.59 -10.64
N ARG A 1230 27.69 -21.51 -9.72
CA ARG A 1230 27.76 -20.70 -8.47
C ARG A 1230 28.95 -21.17 -7.61
N GLN A 1231 29.14 -22.49 -7.48
CA GLN A 1231 30.23 -23.12 -6.68
C GLN A 1231 31.60 -22.73 -7.27
N LEU A 1232 31.71 -22.66 -8.60
CA LEU A 1232 32.97 -22.32 -9.32
C LEU A 1232 33.26 -20.81 -9.22
N VAL A 1233 32.23 -19.97 -9.15
CA VAL A 1233 32.36 -18.49 -9.01
C VAL A 1233 32.97 -18.17 -7.63
N CYS A 1234 32.45 -18.79 -6.56
CA CYS A 1234 32.91 -18.58 -5.16
C CYS A 1234 34.30 -19.23 -4.96
N LEU A 1235 34.62 -20.29 -5.72
CA LEU A 1235 35.97 -20.91 -5.76
C LEU A 1235 36.96 -19.93 -6.41
N ALA A 1236 36.55 -19.27 -7.50
CA ALA A 1236 37.34 -18.25 -8.22
C ALA A 1236 37.65 -17.07 -7.27
N ARG A 1237 36.67 -16.66 -6.46
CA ARG A 1237 36.82 -15.57 -5.43
C ARG A 1237 37.94 -15.94 -4.45
N ALA A 1238 38.01 -17.21 -4.01
CA ALA A 1238 39.05 -17.75 -3.11
C ALA A 1238 40.39 -17.85 -3.85
N LEU A 1239 40.37 -18.21 -5.14
CA LEU A 1239 41.58 -18.32 -6.01
C LEU A 1239 42.16 -16.94 -6.33
N LEU A 1240 41.38 -15.87 -6.18
CA LEU A 1240 41.83 -14.46 -6.42
C LEU A 1240 42.58 -13.93 -5.18
N ARG A 1241 42.04 -14.14 -3.98
CA ARG A 1241 42.64 -13.67 -2.70
C ARG A 1241 43.88 -14.50 -2.36
N LYS A 1242 43.81 -15.83 -2.55
CA LYS A 1242 44.92 -16.79 -2.33
C LYS A 1242 45.36 -16.77 -0.86
N THR A 1243 44.40 -16.90 0.07
CA THR A 1243 44.64 -16.98 1.53
C THR A 1243 45.05 -18.39 1.91
N LYS A 1244 45.78 -18.55 3.02
CA LYS A 1244 46.45 -19.82 3.42
C LYS A 1244 45.53 -20.67 4.32
N ILE A 1245 44.44 -20.11 4.86
CA ILE A 1245 43.41 -20.83 5.66
C ILE A 1245 42.05 -20.68 4.95
N LEU A 1246 41.56 -21.77 4.36
CA LEU A 1246 40.25 -21.84 3.64
C LEU A 1246 39.28 -22.71 4.45
N VAL A 1247 37.97 -22.48 4.31
CA VAL A 1247 36.88 -23.30 4.96
C VAL A 1247 35.75 -23.54 3.95
N LEU A 1248 35.24 -24.77 3.90
CA LEU A 1248 34.18 -25.24 2.96
C LEU A 1248 32.96 -25.71 3.76
N ASP A 1249 31.77 -25.17 3.44
CA ASP A 1249 30.47 -25.50 4.08
C ASP A 1249 29.55 -26.15 3.05
N GLU A 1250 29.24 -27.44 3.23
CA GLU A 1250 28.34 -28.24 2.36
C GLU A 1250 28.83 -28.15 0.90
N ALA A 1251 30.08 -28.52 0.67
CA ALA A 1251 30.76 -28.50 -0.66
C ALA A 1251 30.16 -29.57 -1.58
N THR A 1252 29.68 -30.68 -1.01
CA THR A 1252 29.14 -31.87 -1.73
C THR A 1252 27.73 -32.17 -1.22
N ALA A 1253 26.83 -31.17 -1.26
CA ALA A 1253 25.42 -31.24 -0.83
C ALA A 1253 24.50 -30.95 -2.03
N ALA A 1254 23.89 -32.01 -2.60
CA ALA A 1254 22.96 -31.96 -3.75
C ALA A 1254 23.65 -31.37 -4.98
N VAL A 1255 24.82 -31.91 -5.33
CA VAL A 1255 25.66 -31.51 -6.50
C VAL A 1255 25.43 -32.53 -7.63
N ASP A 1256 25.60 -32.10 -8.89
CA ASP A 1256 25.31 -32.89 -10.11
C ASP A 1256 26.44 -33.90 -10.42
N LEU A 1257 27.50 -33.96 -9.60
CA LEU A 1257 28.66 -34.88 -9.73
C LEU A 1257 29.43 -34.60 -11.03
N GLU A 1258 29.51 -33.33 -11.43
CA GLU A 1258 30.38 -32.82 -12.52
C GLU A 1258 31.31 -31.75 -11.93
N THR A 1259 30.72 -30.71 -11.32
CA THR A 1259 31.43 -29.62 -10.58
C THR A 1259 31.99 -30.15 -9.25
N ASP A 1260 31.40 -31.22 -8.71
CA ASP A 1260 31.86 -31.91 -7.47
C ASP A 1260 33.31 -32.39 -7.66
N ASP A 1261 33.60 -33.03 -8.79
CA ASP A 1261 34.95 -33.55 -9.15
C ASP A 1261 35.91 -32.37 -9.40
N LEU A 1262 35.45 -31.35 -10.14
CA LEU A 1262 36.22 -30.11 -10.46
C LEU A 1262 36.59 -29.37 -9.17
N ILE A 1263 35.69 -29.30 -8.19
CA ILE A 1263 35.93 -28.71 -6.85
C ILE A 1263 37.08 -29.46 -6.18
N GLN A 1264 36.96 -30.79 -6.05
CA GLN A 1264 37.94 -31.67 -5.34
C GLN A 1264 39.29 -31.69 -6.06
N SER A 1265 39.30 -31.71 -7.39
CA SER A 1265 40.51 -31.77 -8.25
C SER A 1265 41.32 -30.46 -8.13
N THR A 1266 40.64 -29.31 -8.08
CA THR A 1266 41.26 -27.97 -7.92
C THR A 1266 41.84 -27.82 -6.50
N ILE A 1267 41.08 -28.24 -5.48
CA ILE A 1267 41.49 -28.22 -4.04
C ILE A 1267 42.84 -28.95 -3.88
N ARG A 1268 43.03 -30.08 -4.59
CA ARG A 1268 44.23 -30.96 -4.50
C ARG A 1268 45.50 -30.19 -4.91
N THR A 1269 45.53 -29.67 -6.14
CA THR A 1269 46.75 -29.09 -6.79
C THR A 1269 46.94 -27.62 -6.38
N GLN A 1270 45.88 -26.81 -6.38
CA GLN A 1270 45.93 -25.33 -6.19
C GLN A 1270 46.25 -25.03 -4.71
N PHE A 1271 45.49 -25.61 -3.79
CA PHE A 1271 45.67 -25.49 -2.32
C PHE A 1271 46.43 -26.72 -1.79
N ASP A 1272 47.68 -26.89 -2.24
CA ASP A 1272 48.55 -28.05 -1.92
C ASP A 1272 49.34 -27.77 -0.63
N ASP A 1273 49.88 -26.56 -0.48
CA ASP A 1273 50.70 -26.13 0.69
C ASP A 1273 49.87 -25.28 1.66
N CYS A 1274 48.58 -25.04 1.34
CA CYS A 1274 47.66 -24.17 2.12
C CYS A 1274 46.80 -25.03 3.07
N THR A 1275 46.59 -24.56 4.31
CA THR A 1275 45.71 -25.17 5.34
C THR A 1275 44.26 -25.08 4.87
N VAL A 1276 43.45 -26.11 5.15
CA VAL A 1276 42.00 -26.13 4.84
C VAL A 1276 41.26 -26.90 5.96
N LEU A 1277 40.19 -26.30 6.50
CA LEU A 1277 39.32 -26.85 7.57
C LEU A 1277 37.91 -27.04 6.99
N THR A 1278 37.62 -28.23 6.47
CA THR A 1278 36.41 -28.53 5.67
C THR A 1278 35.29 -29.07 6.57
N ILE A 1279 34.07 -28.54 6.41
CA ILE A 1279 32.81 -29.03 7.03
C ILE A 1279 32.05 -29.82 5.96
N ALA A 1280 32.02 -31.16 6.07
CA ALA A 1280 31.42 -32.07 5.07
C ALA A 1280 30.46 -33.06 5.76
N HIS A 1281 29.51 -33.60 5.00
CA HIS A 1281 28.51 -34.62 5.42
C HIS A 1281 28.90 -35.99 4.83
N ARG A 1282 29.09 -36.05 3.51
CA ARG A 1282 29.44 -37.30 2.76
C ARG A 1282 30.88 -37.72 3.10
N LEU A 1283 31.11 -39.03 3.24
CA LEU A 1283 32.39 -39.63 3.70
C LEU A 1283 33.46 -39.55 2.60
N ASN A 1284 33.05 -39.60 1.31
CA ASN A 1284 33.95 -39.69 0.13
C ASN A 1284 35.03 -38.61 0.17
N THR A 1285 34.63 -37.36 0.49
CA THR A 1285 35.53 -36.18 0.61
C THR A 1285 36.41 -36.32 1.86
N ILE A 1286 35.81 -36.65 3.00
CA ILE A 1286 36.47 -36.78 4.34
C ILE A 1286 37.57 -37.86 4.29
N MET A 1287 37.35 -38.95 3.54
CA MET A 1287 38.25 -40.14 3.48
C MET A 1287 39.64 -39.73 2.94
N ASP A 1288 39.69 -38.78 2.00
CA ASP A 1288 40.95 -38.34 1.32
C ASP A 1288 41.49 -37.09 2.04
N TYR A 1289 41.97 -37.24 3.28
CA TYR A 1289 42.68 -36.20 4.07
C TYR A 1289 43.73 -36.87 4.97
N THR A 1290 44.64 -36.05 5.52
CA THR A 1290 45.73 -36.48 6.44
C THR A 1290 45.15 -36.69 7.85
N ARG A 1291 44.39 -35.73 8.36
CA ARG A 1291 43.78 -35.74 9.72
C ARG A 1291 42.27 -35.45 9.62
N VAL A 1292 41.48 -36.04 10.52
CA VAL A 1292 40.00 -35.85 10.62
C VAL A 1292 39.61 -35.77 12.11
N ILE A 1293 38.61 -34.94 12.43
CA ILE A 1293 38.07 -34.73 13.81
C ILE A 1293 36.56 -35.04 13.77
N VAL A 1294 36.09 -35.89 14.70
CA VAL A 1294 34.67 -36.38 14.77
C VAL A 1294 34.07 -35.97 16.12
N LEU A 1295 32.95 -35.22 16.07
CA LEU A 1295 32.15 -34.79 17.25
C LEU A 1295 30.66 -34.98 16.95
N ASP A 1296 29.94 -35.66 17.85
CA ASP A 1296 28.46 -35.86 17.84
C ASP A 1296 27.83 -34.89 18.85
N LYS A 1297 28.40 -34.83 20.06
CA LYS A 1297 27.96 -33.92 21.17
C LYS A 1297 28.67 -32.57 21.02
N GLY A 1298 28.63 -31.72 22.06
CA GLY A 1298 29.35 -30.44 22.11
C GLY A 1298 30.86 -30.61 22.21
N GLU A 1299 31.34 -31.78 22.68
CA GLU A 1299 32.77 -32.11 22.90
C GLU A 1299 33.35 -32.83 21.68
N ILE A 1300 34.67 -32.74 21.49
CA ILE A 1300 35.45 -33.52 20.47
C ILE A 1300 35.48 -34.98 20.92
N GLN A 1301 34.70 -35.85 20.27
CA GLN A 1301 34.55 -37.28 20.64
C GLN A 1301 35.80 -38.04 20.18
N GLU A 1302 36.19 -37.91 18.91
CA GLU A 1302 37.33 -38.68 18.32
C GLU A 1302 38.12 -37.79 17.34
N TRP A 1303 39.41 -38.08 17.17
CA TRP A 1303 40.33 -37.39 16.22
C TRP A 1303 41.54 -38.28 15.89
N GLY A 1304 42.09 -38.13 14.68
CA GLY A 1304 43.23 -38.91 14.17
C GLY A 1304 43.22 -38.99 12.65
N SER A 1305 43.83 -40.04 12.09
CA SER A 1305 43.88 -40.33 10.62
C SER A 1305 42.68 -41.18 10.23
N PRO A 1306 42.05 -40.98 9.04
CA PRO A 1306 40.95 -41.83 8.58
C PRO A 1306 41.25 -43.33 8.61
N SER A 1307 42.43 -43.74 8.14
CA SER A 1307 42.93 -45.15 8.13
C SER A 1307 43.15 -45.65 9.56
N ASP A 1308 43.58 -44.76 10.47
CA ASP A 1308 43.90 -45.09 11.89
C ASP A 1308 42.61 -45.31 12.70
N LEU A 1309 41.60 -44.45 12.51
CA LEU A 1309 40.33 -44.46 13.29
C LEU A 1309 39.44 -45.64 12.87
N LEU A 1310 39.57 -46.13 11.63
CA LEU A 1310 38.90 -47.37 11.14
C LEU A 1310 39.46 -48.58 11.88
N GLN A 1311 40.78 -48.62 12.13
CA GLN A 1311 41.49 -49.70 12.85
C GLN A 1311 41.23 -49.60 14.36
N GLN A 1312 41.12 -48.38 14.90
CA GLN A 1312 40.89 -48.10 16.35
C GLN A 1312 39.47 -48.49 16.76
N ARG A 1313 38.52 -48.52 15.81
CA ARG A 1313 37.09 -48.87 16.01
C ARG A 1313 36.42 -47.79 16.88
N GLY A 1314 36.59 -46.52 16.51
CA GLY A 1314 36.02 -45.35 17.21
C GLY A 1314 34.64 -44.99 16.68
N LEU A 1315 34.19 -43.76 16.95
CA LEU A 1315 32.89 -43.21 16.45
C LEU A 1315 32.98 -42.99 14.93
N PHE A 1316 34.18 -42.76 14.40
CA PHE A 1316 34.48 -42.63 12.94
C PHE A 1316 34.13 -43.94 12.22
N TYR A 1317 34.52 -45.08 12.80
CA TYR A 1317 34.23 -46.44 12.28
C TYR A 1317 32.71 -46.69 12.26
N SER A 1318 32.01 -46.25 13.30
CA SER A 1318 30.52 -46.32 13.44
C SER A 1318 29.86 -45.41 12.39
N MET A 1319 30.37 -44.17 12.25
CA MET A 1319 29.90 -43.16 11.25
C MET A 1319 30.10 -43.69 9.83
N ALA A 1320 31.27 -44.27 9.54
CA ALA A 1320 31.67 -44.82 8.22
C ALA A 1320 30.77 -46.00 7.84
N LYS A 1321 30.45 -46.86 8.82
CA LYS A 1321 29.55 -48.04 8.64
C LYS A 1321 28.13 -47.56 8.34
N ASP A 1322 27.59 -46.65 9.16
CA ASP A 1322 26.22 -46.07 9.03
C ASP A 1322 26.08 -45.32 7.70
N SER A 1323 27.16 -44.70 7.21
CA SER A 1323 27.23 -43.99 5.90
C SER A 1323 27.01 -45.00 4.75
N GLY A 1324 27.70 -46.15 4.79
CA GLY A 1324 27.57 -47.25 3.83
C GLY A 1324 28.92 -47.75 3.34
N LEU A 1325 29.79 -46.83 2.91
CA LEU A 1325 31.13 -47.14 2.33
C LEU A 1325 32.07 -47.58 3.46
N VAL A 1326 32.61 -48.80 3.36
CA VAL A 1326 33.57 -49.40 4.35
C VAL A 1326 34.79 -49.92 3.56
N PHE B 2 -2.61 20.34 -2.85
CA PHE B 2 -2.42 20.63 -4.26
C PHE B 2 -1.24 21.60 -4.44
N TRP B 3 -0.94 21.96 -5.68
CA TRP B 3 0.08 22.99 -6.05
C TRP B 3 -0.53 24.39 -5.85
N GLY B 4 0.22 25.28 -5.17
CA GLY B 4 -0.12 26.71 -4.97
C GLY B 4 -1.56 26.92 -4.53
N ASN B 5 -2.09 26.02 -3.69
CA ASN B 5 -3.48 26.01 -3.17
C ASN B 5 -3.45 25.64 -1.69
N LEU B 6 -3.49 26.65 -0.82
CA LEU B 6 -3.90 26.51 0.61
C LEU B 6 -5.33 27.03 0.75
N HIS B 7 -6.20 26.67 -0.22
CA HIS B 7 -7.68 26.81 -0.17
C HIS B 7 -8.25 25.57 0.53
N TRP B 8 -9.07 25.76 1.57
CA TRP B 8 -9.76 24.66 2.28
C TRP B 8 -10.93 24.18 1.42
N TYR B 9 -10.90 22.90 1.02
CA TYR B 9 -11.98 22.22 0.25
C TYR B 9 -12.68 21.21 1.16
N TYR B 10 -13.92 21.51 1.56
CA TYR B 10 -14.84 20.56 2.24
C TYR B 10 -15.19 19.40 1.30
N GLU B 11 -15.00 19.60 -0.01
CA GLU B 11 -15.18 18.57 -1.08
C GLU B 11 -14.08 17.51 -0.97
N GLN B 12 -14.34 16.29 -1.49
CA GLN B 12 -13.35 15.21 -1.67
C GLN B 12 -13.06 15.10 -3.17
N PHE B 13 -12.07 15.85 -3.67
CA PHE B 13 -11.69 15.70 -5.10
C PHE B 13 -10.98 14.35 -5.22
N ASP B 14 -11.76 13.27 -5.33
CA ASP B 14 -11.18 11.89 -5.39
C ASP B 14 -10.39 11.61 -4.12
N SER B 15 -10.81 12.16 -2.98
CA SER B 15 -10.17 11.89 -1.67
C SER B 15 -8.64 11.97 -1.79
N THR B 16 -7.91 11.15 -1.02
CA THR B 16 -6.43 11.19 -1.02
C THR B 16 -6.03 12.64 -1.28
N CYS B 17 -6.57 13.58 -0.50
CA CYS B 17 -6.33 14.98 -0.83
C CYS B 17 -4.82 15.25 -0.85
#